data_8OIL
#
_entry.id   8OIL
#
_entity_poly.entity_id   1
_entity_poly.type   'polypeptide(L)'
_entity_poly.pdbx_seq_one_letter_code
;MKNNQGNGQGHNMPNDPNRNVDENANANSAVKNNNNEEPSDKHIKEYLNKIQNSLSTEWSPCSVTCGNGIQVRIKPGSAN
KPKDELDYANDIEKKICKMEKCSSVFNVVNSSENLYFQSGGHHHHHH
;
_entity_poly.pdbx_strand_id   A
#
# COMPACT_ATOMS: atom_id res chain seq x y z
N MET A 1 -63.08 -1.31 17.15
CA MET A 1 -62.90 -0.65 18.48
C MET A 1 -62.47 -1.69 19.51
N LYS A 2 -61.17 -1.72 19.80
CA LYS A 2 -60.63 -2.67 20.77
C LYS A 2 -59.80 -1.94 21.83
N ASN A 3 -59.87 -2.43 23.06
CA ASN A 3 -59.13 -1.82 24.18
C ASN A 3 -57.88 -2.63 24.53
N ASN A 4 -57.49 -3.57 23.65
CA ASN A 4 -56.30 -4.39 23.90
C ASN A 4 -55.10 -3.86 23.14
N GLN A 5 -53.94 -3.86 23.80
CA GLN A 5 -52.70 -3.39 23.19
C GLN A 5 -52.34 -4.23 21.97
N GLY A 6 -52.54 -5.55 22.09
CA GLY A 6 -52.22 -6.47 21.01
C GLY A 6 -50.75 -6.90 21.06
N ASN A 7 -50.31 -7.64 20.04
CA ASN A 7 -48.93 -8.11 19.98
C ASN A 7 -47.97 -6.93 19.94
N GLY A 8 -48.32 -5.90 19.17
CA GLY A 8 -47.49 -4.72 19.04
C GLY A 8 -46.10 -5.08 18.54
N GLN A 9 -45.07 -4.58 19.24
CA GLN A 9 -43.68 -4.85 18.88
C GLN A 9 -43.38 -6.35 18.99
N GLY A 10 -43.93 -6.98 20.03
CA GLY A 10 -43.71 -8.41 20.27
C GLY A 10 -42.41 -8.64 21.03
N HIS A 11 -42.01 -9.91 21.13
CA HIS A 11 -40.78 -10.26 21.83
C HIS A 11 -39.58 -9.61 21.16
N ASN A 12 -38.71 -9.00 21.97
CA ASN A 12 -37.51 -8.33 21.45
C ASN A 12 -36.55 -8.04 22.60
N MET A 13 -35.27 -7.86 22.24
CA MET A 13 -34.24 -7.56 23.24
C MET A 13 -34.43 -6.14 23.80
N PRO A 14 -34.06 -5.89 25.06
CA PRO A 14 -34.23 -4.54 25.69
C PRO A 14 -33.24 -3.51 25.10
N ASN A 15 -33.64 -2.24 25.15
CA ASN A 15 -32.79 -1.16 24.65
C ASN A 15 -31.77 -0.74 25.71
N ASP A 16 -30.93 0.24 25.35
CA ASP A 16 -29.92 0.74 26.27
C ASP A 16 -30.05 2.27 26.42
N PRO A 17 -30.87 2.76 27.37
CA PRO A 17 -31.04 4.24 27.58
C PRO A 17 -29.75 4.91 28.05
N ASN A 18 -28.92 4.14 28.77
CA ASN A 18 -27.65 4.66 29.27
C ASN A 18 -26.72 5.05 28.11
N ARG A 19 -26.74 4.22 27.06
CA ARG A 19 -25.90 4.45 25.89
C ARG A 19 -26.31 5.76 25.19
N ASN A 20 -25.30 6.57 24.85
CA ASN A 20 -25.53 7.84 24.18
C ASN A 20 -25.36 7.67 22.67
N VAL A 21 -25.97 8.57 21.90
CA VAL A 21 -25.89 8.51 20.45
C VAL A 21 -24.71 9.35 19.96
N ASP A 22 -23.57 8.68 19.77
CA ASP A 22 -22.36 9.36 19.28
C ASP A 22 -22.03 8.94 17.84
N GLU A 23 -23.01 8.38 17.14
CA GLU A 23 -22.83 7.94 15.76
C GLU A 23 -22.58 9.15 14.85
N ASN A 24 -23.33 10.23 15.11
CA ASN A 24 -23.20 11.45 14.32
C ASN A 24 -21.79 12.01 14.48
N ALA A 25 -21.33 12.06 15.73
CA ALA A 25 -19.99 12.56 16.04
C ALA A 25 -18.93 11.68 15.40
N ASN A 26 -19.15 10.37 15.44
CA ASN A 26 -18.22 9.40 14.88
C ASN A 26 -18.07 9.59 13.37
N ALA A 27 -19.19 9.90 12.70
CA ALA A 27 -19.18 10.11 11.25
C ALA A 27 -18.27 11.28 10.89
N ASN A 28 -18.33 12.35 11.70
CA ASN A 28 -17.50 13.53 11.46
C ASN A 28 -16.02 13.18 11.58
N SER A 29 -15.70 12.34 12.56
CA SER A 29 -14.31 11.91 12.78
C SER A 29 -13.96 10.66 11.97
N ALA A 30 -14.92 10.11 11.22
CA ALA A 30 -14.68 8.92 10.41
C ALA A 30 -14.06 9.25 9.05
N VAL A 31 -13.54 10.48 8.91
CA VAL A 31 -12.91 10.90 7.67
C VAL A 31 -11.60 11.65 7.96
N LYS A 32 -10.54 11.26 7.26
CA LYS A 32 -9.23 11.87 7.44
C LYS A 32 -8.60 12.22 6.09
N ASN A 33 -7.81 13.29 6.06
CA ASN A 33 -7.16 13.72 4.83
C ASN A 33 -5.89 14.52 5.12
N ASN A 34 -5.09 14.76 4.09
CA ASN A 34 -3.85 15.52 4.23
C ASN A 34 -2.97 14.93 5.34
N ASN A 35 -2.93 13.60 5.41
CA ASN A 35 -2.14 12.90 6.42
C ASN A 35 -0.94 12.20 5.78
N ASN A 36 0.24 12.42 6.36
CA ASN A 36 1.48 11.81 5.86
C ASN A 36 1.90 10.60 6.73
N GLU A 37 0.96 10.11 7.56
CA GLU A 37 1.26 8.97 8.43
C GLU A 37 1.55 7.72 7.60
N GLU A 38 2.64 7.04 7.95
CA GLU A 38 3.05 5.82 7.26
C GLU A 38 2.17 4.65 7.69
N PRO A 39 2.05 3.58 6.89
CA PRO A 39 1.19 2.41 7.26
C PRO A 39 1.76 1.67 8.47
N SER A 40 0.85 1.16 9.31
CA SER A 40 1.25 0.45 10.52
C SER A 40 1.80 -0.94 10.21
N ASP A 41 2.64 -1.43 11.13
CA ASP A 41 3.24 -2.74 11.01
C ASP A 41 2.16 -3.81 11.00
N LYS A 42 1.11 -3.60 11.81
CA LYS A 42 0.00 -4.53 11.88
C LYS A 42 -0.66 -4.64 10.51
N HIS A 43 -0.85 -3.48 9.86
CA HIS A 43 -1.45 -3.38 8.53
C HIS A 43 -0.52 -3.99 7.48
N ILE A 44 0.77 -3.73 7.62
CA ILE A 44 1.76 -4.24 6.68
C ILE A 44 1.92 -5.76 6.83
N LYS A 45 2.03 -6.23 8.08
CA LYS A 45 2.21 -7.66 8.33
C LYS A 45 0.98 -8.47 7.92
N GLU A 46 -0.22 -7.90 8.11
CA GLU A 46 -1.45 -8.58 7.74
C GLU A 46 -1.55 -8.71 6.21
N TYR A 47 -0.96 -7.74 5.52
CA TYR A 47 -0.94 -7.74 4.05
C TYR A 47 -0.20 -8.96 3.55
N LEU A 48 0.92 -9.28 4.20
CA LEU A 48 1.70 -10.45 3.82
C LEU A 48 0.79 -11.69 3.79
N ASN A 49 -0.03 -11.82 4.82
CA ASN A 49 -0.98 -12.94 4.92
C ASN A 49 -2.15 -12.76 3.96
N LYS A 50 -2.56 -11.50 3.78
CA LYS A 50 -3.69 -11.15 2.92
C LYS A 50 -3.41 -11.57 1.48
N ILE A 51 -2.22 -11.23 0.98
CA ILE A 51 -1.85 -11.59 -0.39
C ILE A 51 -1.14 -12.95 -0.43
N GLN A 52 -0.90 -13.54 0.74
CA GLN A 52 -0.23 -14.83 0.80
C GLN A 52 -0.96 -15.86 -0.06
N ASN A 53 -2.27 -15.86 0.05
CA ASN A 53 -3.11 -16.79 -0.71
C ASN A 53 -2.96 -16.58 -2.22
N SER A 54 -2.80 -15.33 -2.64
CA SER A 54 -2.66 -15.01 -4.06
C SER A 54 -1.28 -14.41 -4.38
N LEU A 55 -0.27 -14.84 -3.62
CA LEU A 55 1.10 -14.34 -3.81
C LEU A 55 1.65 -14.79 -5.16
N SER A 56 2.27 -13.85 -5.87
CA SER A 56 2.86 -14.13 -7.17
C SER A 56 3.91 -13.07 -7.50
N THR A 57 4.67 -13.31 -8.57
CA THR A 57 5.71 -12.38 -8.99
C THR A 57 5.09 -11.18 -9.70
N GLU A 58 5.27 -9.99 -9.13
CA GLU A 58 4.72 -8.78 -9.72
C GLU A 58 5.23 -7.54 -8.97
N TRP A 59 5.50 -6.47 -9.72
CA TRP A 59 5.95 -5.21 -9.12
C TRP A 59 4.75 -4.32 -8.86
N SER A 60 4.47 -4.08 -7.57
CA SER A 60 3.33 -3.26 -7.17
C SER A 60 3.75 -1.83 -6.81
N PRO A 61 2.85 -0.85 -6.88
CA PRO A 61 3.18 0.57 -6.53
C PRO A 61 3.70 0.70 -5.10
N CYS A 62 4.38 1.81 -4.84
CA CYS A 62 4.95 2.07 -3.51
C CYS A 62 3.83 2.10 -2.46
N SER A 63 2.70 2.70 -2.83
CA SER A 63 1.53 2.80 -1.94
C SER A 63 1.85 3.59 -0.67
N VAL A 64 2.68 4.64 -0.81
CA VAL A 64 3.04 5.50 0.32
C VAL A 64 2.94 6.97 -0.10
N THR A 65 2.76 7.86 0.89
CA THR A 65 2.64 9.29 0.60
C THR A 65 3.89 10.07 1.02
N CYS A 66 4.65 9.54 1.98
CA CYS A 66 5.87 10.20 2.44
C CYS A 66 6.76 9.26 3.28
N GLY A 67 6.56 7.96 3.10
CA GLY A 67 7.35 6.96 3.82
C GLY A 67 7.93 5.95 2.85
N ASN A 68 9.02 5.31 3.25
CA ASN A 68 9.67 4.31 2.40
C ASN A 68 8.70 3.19 2.07
N GLY A 69 8.22 3.19 0.82
CA GLY A 69 7.28 2.18 0.35
C GLY A 69 7.99 0.84 0.19
N ILE A 70 7.28 -0.24 0.49
CA ILE A 70 7.85 -1.58 0.38
C ILE A 70 6.80 -2.57 -0.11
N GLN A 71 7.21 -3.39 -1.09
CA GLN A 71 6.35 -4.42 -1.65
C GLN A 71 7.05 -5.76 -1.54
N VAL A 72 6.34 -6.77 -1.03
CA VAL A 72 6.92 -8.10 -0.87
C VAL A 72 6.15 -9.12 -1.71
N ARG A 73 6.88 -9.78 -2.60
CA ARG A 73 6.30 -10.79 -3.49
C ARG A 73 7.28 -11.94 -3.69
N ILE A 74 6.78 -13.05 -4.24
CA ILE A 74 7.62 -14.22 -4.49
C ILE A 74 8.77 -13.85 -5.42
N LYS A 75 9.98 -14.31 -5.06
CA LYS A 75 11.17 -14.03 -5.86
C LYS A 75 11.03 -14.69 -7.26
N PRO A 76 11.35 -13.99 -8.35
CA PRO A 76 11.23 -14.57 -9.72
C PRO A 76 11.96 -15.91 -9.86
N GLY A 77 13.11 -16.00 -9.16
CA GLY A 77 13.93 -17.22 -9.20
C GLY A 77 13.16 -18.41 -8.64
N SER A 78 12.41 -18.17 -7.56
CA SER A 78 11.62 -19.22 -6.90
C SER A 78 10.18 -19.29 -7.45
N ALA A 79 9.88 -18.49 -8.48
CA ALA A 79 8.53 -18.47 -9.06
C ALA A 79 8.15 -19.84 -9.60
N ASN A 80 9.12 -20.52 -10.24
CA ASN A 80 8.87 -21.85 -10.81
C ASN A 80 8.57 -22.88 -9.71
N LYS A 81 9.15 -22.66 -8.52
CA LYS A 81 8.93 -23.57 -7.39
C LYS A 81 7.53 -23.37 -6.80
N PRO A 82 6.92 -24.41 -6.19
CA PRO A 82 5.56 -24.26 -5.59
C PRO A 82 5.53 -23.15 -4.55
N LYS A 83 4.45 -22.38 -4.54
CA LYS A 83 4.33 -21.25 -3.61
C LYS A 83 4.15 -21.69 -2.16
N ASP A 84 3.55 -22.86 -1.98
CA ASP A 84 3.28 -23.39 -0.65
C ASP A 84 4.58 -23.53 0.16
N GLU A 85 5.65 -23.98 -0.50
CA GLU A 85 6.94 -24.16 0.18
C GLU A 85 7.70 -22.84 0.36
N LEU A 86 7.24 -21.77 -0.28
CA LEU A 86 7.90 -20.47 -0.17
C LEU A 86 7.40 -19.73 1.05
N ASP A 87 8.33 -19.10 1.78
CA ASP A 87 7.99 -18.34 2.98
C ASP A 87 8.66 -16.97 2.95
N TYR A 88 8.19 -16.09 3.83
CA TYR A 88 8.72 -14.72 3.92
C TYR A 88 10.23 -14.74 4.14
N ALA A 89 10.68 -15.56 5.07
CA ALA A 89 12.11 -15.65 5.40
C ALA A 89 12.85 -16.66 4.51
N ASN A 90 12.12 -17.36 3.63
CA ASN A 90 12.74 -18.37 2.78
C ASN A 90 12.97 -17.91 1.34
N ASP A 91 11.92 -17.46 0.64
CA ASP A 91 12.09 -17.07 -0.77
C ASP A 91 11.36 -15.79 -1.20
N ILE A 92 10.67 -15.10 -0.28
CA ILE A 92 9.95 -13.88 -0.64
C ILE A 92 10.94 -12.75 -0.91
N GLU A 93 10.79 -12.13 -2.08
CA GLU A 93 11.63 -11.02 -2.49
C GLU A 93 10.86 -9.71 -2.31
N LYS A 94 11.53 -8.70 -1.78
CA LYS A 94 10.90 -7.41 -1.55
C LYS A 94 11.83 -6.26 -1.95
N LYS A 95 11.25 -5.07 -2.12
CA LYS A 95 12.02 -3.90 -2.54
C LYS A 95 11.51 -2.62 -1.85
N ILE A 96 12.38 -1.60 -1.82
CA ILE A 96 12.05 -0.32 -1.18
C ILE A 96 11.95 0.78 -2.24
N CYS A 97 11.04 1.73 -2.00
CA CYS A 97 10.85 2.86 -2.89
C CYS A 97 10.14 4.01 -2.17
N LYS A 98 10.76 5.19 -2.22
CA LYS A 98 10.19 6.38 -1.56
C LYS A 98 9.31 7.16 -2.53
N MET A 99 8.28 7.81 -1.99
CA MET A 99 7.35 8.60 -2.81
C MET A 99 8.02 9.86 -3.33
N GLU A 100 8.00 10.04 -4.65
CA GLU A 100 8.58 11.20 -5.30
C GLU A 100 7.83 12.49 -4.94
N LYS A 101 6.51 12.36 -4.81
CA LYS A 101 5.65 13.52 -4.50
C LYS A 101 5.73 13.97 -3.04
N CYS A 102 6.69 13.43 -2.29
CA CYS A 102 6.87 13.80 -0.88
C CYS A 102 7.78 15.03 -0.75
N SER A 103 7.58 15.99 -1.64
CA SER A 103 8.38 17.23 -1.64
C SER A 103 7.82 18.27 -0.65
N SER A 104 6.64 17.98 -0.06
CA SER A 104 6.02 18.89 0.90
C SER A 104 5.82 20.28 0.26
N VAL A 105 5.40 20.27 -1.00
CA VAL A 105 5.15 21.52 -1.74
C VAL A 105 3.68 21.63 -2.15
N PHE A 106 3.01 20.48 -2.27
CA PHE A 106 1.60 20.44 -2.66
C PHE A 106 0.86 19.45 -1.74
N ASN A 107 -0.26 19.90 -1.19
CA ASN A 107 -1.07 19.05 -0.31
C ASN A 107 -1.68 17.89 -1.08
N VAL A 108 -1.73 16.73 -0.41
CA VAL A 108 -2.31 15.54 -1.01
C VAL A 108 -3.39 14.99 -0.08
N VAL A 109 -4.65 15.26 -0.44
CA VAL A 109 -5.79 14.80 0.37
C VAL A 109 -5.92 13.29 0.28
N ASN A 110 -6.23 12.66 1.43
CA ASN A 110 -6.39 11.21 1.49
C ASN A 110 -7.87 10.81 1.66
N SER A 111 -8.78 11.72 1.31
CA SER A 111 -10.21 11.45 1.42
C SER A 111 -10.60 10.26 0.56
N SER A 112 -9.97 10.15 -0.63
CA SER A 112 -10.24 9.04 -1.53
C SER A 112 -9.79 7.69 -0.94
N GLU A 113 -8.84 7.78 -0.01
CA GLU A 113 -8.30 6.60 0.67
C GLU A 113 -9.02 6.34 2.02
N ASN A 114 -9.96 7.21 2.39
CA ASN A 114 -10.69 7.08 3.64
C ASN A 114 -11.45 5.75 3.69
N LEU A 115 -12.04 5.37 2.55
CA LEU A 115 -12.81 4.13 2.45
C LEU A 115 -12.06 2.95 3.07
N TYR A 116 -10.73 2.94 2.92
CA TYR A 116 -9.91 1.86 3.47
C TYR A 116 -9.93 1.89 5.00
N PHE A 117 -9.89 3.11 5.55
CA PHE A 117 -9.89 3.30 7.01
C PHE A 117 -11.22 2.86 7.62
N GLN A 118 -12.32 3.14 6.91
CA GLN A 118 -13.65 2.78 7.38
C GLN A 118 -14.03 1.40 6.86
N SER A 119 -14.75 0.63 7.70
CA SER A 119 -15.20 -0.71 7.32
C SER A 119 -16.55 -0.67 6.60
N GLY A 120 -16.91 0.50 6.05
CA GLY A 120 -18.18 0.65 5.34
C GLY A 120 -19.37 0.70 6.32
N GLY A 121 -19.09 1.05 7.58
CA GLY A 121 -20.13 1.13 8.61
C GLY A 121 -19.53 1.53 9.94
N HIS A 122 -20.34 1.46 11.00
CA HIS A 122 -19.90 1.83 12.34
C HIS A 122 -20.65 1.02 13.39
N HIS A 123 -19.95 0.65 14.47
CA HIS A 123 -20.54 -0.12 15.55
C HIS A 123 -20.75 0.75 16.78
N HIS A 124 -21.93 0.61 17.40
CA HIS A 124 -22.26 1.40 18.60
C HIS A 124 -21.42 0.95 19.79
N HIS A 125 -21.42 1.76 20.85
CA HIS A 125 -20.66 1.45 22.06
C HIS A 125 -21.60 0.97 23.16
N HIS A 126 -21.26 -0.18 23.75
CA HIS A 126 -22.06 -0.75 24.83
C HIS A 126 -21.25 -0.78 26.13
N HIS A 127 -21.77 -0.11 27.16
CA HIS A 127 -21.11 -0.05 28.46
C HIS A 127 -19.71 0.54 28.33
N MET A 1 -9.36 11.58 -31.84
CA MET A 1 -10.40 10.82 -31.09
C MET A 1 -11.06 9.80 -32.03
N LYS A 2 -10.25 9.21 -32.91
CA LYS A 2 -10.75 8.22 -33.87
C LYS A 2 -9.92 6.94 -33.80
N ASN A 3 -10.56 5.81 -34.07
CA ASN A 3 -9.89 4.50 -34.02
C ASN A 3 -9.55 4.01 -35.45
N ASN A 4 -9.50 4.94 -36.41
CA ASN A 4 -9.19 4.59 -37.79
C ASN A 4 -7.80 5.09 -38.17
N GLN A 5 -7.04 4.25 -38.86
CA GLN A 5 -5.68 4.61 -39.29
C GLN A 5 -5.72 5.79 -40.26
N GLY A 6 -6.71 5.79 -41.15
CA GLY A 6 -6.86 6.86 -42.14
C GLY A 6 -8.08 6.62 -43.02
N ASN A 7 -8.27 7.52 -44.00
CA ASN A 7 -9.40 7.43 -44.92
C ASN A 7 -9.33 6.14 -45.73
N GLY A 8 -8.12 5.77 -46.14
CA GLY A 8 -7.91 4.55 -46.92
C GLY A 8 -7.91 3.31 -46.03
N GLN A 9 -7.67 2.15 -46.65
CA GLN A 9 -7.65 0.89 -45.92
C GLN A 9 -6.55 0.88 -44.85
N GLY A 10 -5.39 1.46 -45.20
CA GLY A 10 -4.26 1.52 -44.28
C GLY A 10 -3.47 0.22 -44.30
N HIS A 11 -2.61 0.04 -43.29
CA HIS A 11 -1.79 -1.16 -43.19
C HIS A 11 -2.12 -1.94 -41.93
N ASN A 12 -2.06 -3.27 -42.03
CA ASN A 12 -2.36 -4.15 -40.91
C ASN A 12 -3.76 -3.88 -40.36
N MET A 13 -4.21 -4.76 -39.47
CA MET A 13 -5.54 -4.62 -38.87
C MET A 13 -5.56 -3.47 -37.86
N PRO A 14 -6.71 -2.82 -37.63
CA PRO A 14 -6.81 -1.68 -36.66
C PRO A 14 -6.72 -2.15 -35.22
N ASN A 15 -6.28 -1.25 -34.34
CA ASN A 15 -6.14 -1.58 -32.91
C ASN A 15 -7.51 -1.52 -32.25
N ASP A 16 -7.67 -2.27 -31.15
CA ASP A 16 -8.93 -2.29 -30.43
C ASP A 16 -8.75 -1.62 -29.05
N PRO A 17 -8.93 -0.30 -28.95
CA PRO A 17 -8.79 0.43 -27.64
C PRO A 17 -9.90 0.11 -26.65
N ASN A 18 -11.03 -0.40 -27.18
CA ASN A 18 -12.18 -0.74 -26.34
C ASN A 18 -12.28 -2.26 -26.10
N ARG A 19 -11.19 -2.98 -26.36
CA ARG A 19 -11.17 -4.43 -26.17
C ARG A 19 -11.47 -4.78 -24.71
N ASN A 20 -12.36 -5.74 -24.51
CA ASN A 20 -12.74 -6.17 -23.16
C ASN A 20 -11.53 -6.74 -22.43
N VAL A 21 -11.35 -6.29 -21.18
CA VAL A 21 -10.25 -6.74 -20.36
C VAL A 21 -10.67 -6.69 -18.89
N ASP A 22 -10.40 -7.77 -18.16
CA ASP A 22 -10.77 -7.86 -16.75
C ASP A 22 -9.63 -7.42 -15.82
N GLU A 23 -8.69 -6.66 -16.39
CA GLU A 23 -7.55 -6.15 -15.62
C GLU A 23 -8.04 -5.20 -14.53
N ASN A 24 -9.01 -4.36 -14.88
CA ASN A 24 -9.57 -3.39 -13.94
C ASN A 24 -10.20 -4.12 -12.75
N ALA A 25 -10.90 -5.21 -13.03
CA ALA A 25 -11.56 -6.00 -11.98
C ALA A 25 -10.52 -6.54 -11.00
N ASN A 26 -9.38 -6.99 -11.53
CA ASN A 26 -8.30 -7.53 -10.70
C ASN A 26 -7.79 -6.46 -9.74
N ALA A 27 -7.67 -5.23 -10.24
CA ALA A 27 -7.19 -4.12 -9.43
C ALA A 27 -8.10 -3.88 -8.23
N ASN A 28 -9.41 -4.00 -8.46
CA ASN A 28 -10.39 -3.80 -7.39
C ASN A 28 -10.17 -4.81 -6.26
N SER A 29 -9.87 -6.06 -6.64
CA SER A 29 -9.62 -7.11 -5.67
C SER A 29 -8.42 -6.75 -4.80
N ALA A 30 -7.42 -6.12 -5.42
CA ALA A 30 -6.20 -5.72 -4.71
C ALA A 30 -6.31 -4.27 -4.20
N VAL A 31 -7.53 -3.77 -4.07
CA VAL A 31 -7.75 -2.39 -3.60
C VAL A 31 -7.03 -2.15 -2.27
N LYS A 32 -6.41 -0.99 -2.15
CA LYS A 32 -5.67 -0.62 -0.94
C LYS A 32 -5.82 0.87 -0.66
N ASN A 33 -5.57 1.25 0.60
CA ASN A 33 -5.67 2.65 1.02
C ASN A 33 -4.29 3.26 1.25
N ASN A 34 -4.11 4.50 0.78
CA ASN A 34 -2.83 5.19 0.93
C ASN A 34 -2.83 6.04 2.21
N ASN A 35 -2.10 5.57 3.22
CA ASN A 35 -2.00 6.28 4.49
C ASN A 35 -0.60 6.86 4.67
N ASN A 36 -0.54 8.11 5.14
CA ASN A 36 0.74 8.78 5.36
C ASN A 36 1.58 8.02 6.39
N GLU A 37 0.91 7.53 7.44
CA GLU A 37 1.59 6.77 8.48
C GLU A 37 2.03 5.41 7.95
N GLU A 38 3.26 5.01 8.30
CA GLU A 38 3.79 3.73 7.84
C GLU A 38 3.02 2.56 8.47
N PRO A 39 2.87 1.43 7.78
CA PRO A 39 2.13 0.25 8.34
C PRO A 39 2.89 -0.44 9.46
N SER A 40 2.14 -1.05 10.39
CA SER A 40 2.73 -1.75 11.52
C SER A 40 2.95 -3.23 11.20
N ASP A 41 3.74 -3.90 12.03
CA ASP A 41 4.04 -5.31 11.85
C ASP A 41 2.77 -6.15 11.94
N LYS A 42 1.86 -5.76 12.84
CA LYS A 42 0.61 -6.49 13.00
C LYS A 42 -0.20 -6.43 11.70
N HIS A 43 -0.19 -5.25 11.07
CA HIS A 43 -0.89 -5.03 9.82
C HIS A 43 -0.15 -5.73 8.66
N ILE A 44 1.16 -5.56 8.63
CA ILE A 44 2.00 -6.14 7.57
C ILE A 44 1.98 -7.67 7.62
N LYS A 45 2.12 -8.25 8.81
CA LYS A 45 2.12 -9.72 8.92
C LYS A 45 0.82 -10.31 8.36
N GLU A 46 -0.28 -9.56 8.51
CA GLU A 46 -1.59 -10.00 8.01
C GLU A 46 -1.59 -10.12 6.49
N TYR A 47 -0.95 -9.15 5.83
CA TYR A 47 -0.86 -9.15 4.37
C TYR A 47 -0.02 -10.31 3.86
N LEU A 48 1.08 -10.61 4.56
CA LEU A 48 1.95 -11.71 4.15
C LEU A 48 1.18 -13.02 4.13
N ASN A 49 0.26 -13.19 5.08
CA ASN A 49 -0.55 -14.40 5.15
C ASN A 49 -1.83 -14.25 4.32
N LYS A 50 -2.11 -13.03 3.84
CA LYS A 50 -3.30 -12.75 3.05
C LYS A 50 -3.05 -12.92 1.55
N ILE A 51 -2.06 -12.18 1.01
CA ILE A 51 -1.77 -12.25 -0.43
C ILE A 51 -1.02 -13.54 -0.81
N GLN A 52 -0.39 -14.20 0.18
CA GLN A 52 0.36 -15.44 -0.11
C GLN A 52 -0.47 -16.42 -0.95
N ASN A 53 -1.79 -16.33 -0.81
CA ASN A 53 -2.69 -17.21 -1.57
C ASN A 53 -2.51 -16.97 -3.06
N SER A 54 -2.34 -15.71 -3.44
CA SER A 54 -2.17 -15.33 -4.85
C SER A 54 -0.81 -14.66 -5.11
N LEU A 55 0.14 -14.85 -4.18
CA LEU A 55 1.48 -14.24 -4.34
C LEU A 55 2.09 -14.61 -5.68
N SER A 56 2.67 -13.61 -6.34
CA SER A 56 3.32 -13.80 -7.63
C SER A 56 4.35 -12.71 -7.88
N THR A 57 5.17 -12.91 -8.90
CA THR A 57 6.21 -11.94 -9.24
C THR A 57 5.58 -10.70 -9.87
N GLU A 58 5.76 -9.54 -9.24
CA GLU A 58 5.20 -8.29 -9.76
C GLU A 58 5.73 -7.08 -9.00
N TRP A 59 6.04 -6.01 -9.76
CA TRP A 59 6.53 -4.77 -9.18
C TRP A 59 5.46 -3.70 -9.25
N SER A 60 4.96 -3.30 -8.09
CA SER A 60 3.90 -2.28 -8.01
C SER A 60 4.49 -0.91 -7.62
N PRO A 61 3.88 0.20 -8.05
CA PRO A 61 4.38 1.58 -7.71
C PRO A 61 4.44 1.78 -6.21
N CYS A 62 5.19 2.80 -5.79
CA CYS A 62 5.36 3.11 -4.37
C CYS A 62 3.99 3.36 -3.72
N SER A 63 3.14 4.09 -4.44
CA SER A 63 1.79 4.39 -3.97
C SER A 63 1.80 5.06 -2.59
N VAL A 64 2.79 5.92 -2.36
CA VAL A 64 2.89 6.65 -1.08
C VAL A 64 2.96 8.15 -1.32
N THR A 65 2.43 8.91 -0.37
CA THR A 65 2.41 10.36 -0.47
C THR A 65 3.79 10.95 -0.13
N CYS A 66 4.38 10.45 0.95
CA CYS A 66 5.70 10.94 1.39
C CYS A 66 6.47 9.84 2.13
N GLY A 67 5.74 8.96 2.84
CA GLY A 67 6.36 7.88 3.57
C GLY A 67 6.95 6.88 2.59
N ASN A 68 7.80 6.01 3.11
CA ASN A 68 8.46 5.00 2.28
C ASN A 68 7.44 3.99 1.76
N GLY A 69 7.67 3.56 0.53
CA GLY A 69 6.80 2.58 -0.12
C GLY A 69 7.49 1.22 -0.14
N ILE A 70 6.74 0.17 0.20
CA ILE A 70 7.30 -1.19 0.22
C ILE A 70 6.37 -2.17 -0.49
N GLN A 71 6.98 -3.06 -1.27
CA GLN A 71 6.24 -4.08 -2.01
C GLN A 71 6.85 -5.45 -1.75
N VAL A 72 5.99 -6.48 -1.70
CA VAL A 72 6.47 -7.85 -1.43
C VAL A 72 6.00 -8.82 -2.53
N ARG A 73 6.94 -9.60 -3.07
CA ARG A 73 6.61 -10.58 -4.11
C ARG A 73 7.61 -11.76 -4.09
N ILE A 74 7.23 -12.87 -4.73
CA ILE A 74 8.08 -14.07 -4.78
C ILE A 74 9.26 -13.85 -5.73
N LYS A 75 10.41 -14.47 -5.38
CA LYS A 75 11.62 -14.36 -6.19
C LYS A 75 11.39 -15.05 -7.54
N PRO A 76 12.00 -14.59 -8.63
CA PRO A 76 11.80 -15.22 -9.98
C PRO A 76 12.12 -16.71 -9.98
N GLY A 77 13.18 -17.09 -9.26
CA GLY A 77 13.60 -18.48 -9.16
C GLY A 77 12.55 -19.33 -8.44
N SER A 78 11.98 -18.77 -7.39
CA SER A 78 10.98 -19.49 -6.58
C SER A 78 9.53 -19.17 -7.02
N ALA A 79 9.38 -18.34 -8.06
CA ALA A 79 8.04 -17.98 -8.54
C ALA A 79 7.28 -19.21 -9.01
N ASN A 80 7.98 -20.12 -9.69
CA ASN A 80 7.37 -21.34 -10.21
C ASN A 80 6.97 -22.29 -9.07
N LYS A 81 7.73 -22.26 -7.97
CA LYS A 81 7.45 -23.12 -6.82
C LYS A 81 6.15 -22.70 -6.11
N PRO A 82 5.41 -23.64 -5.51
CA PRO A 82 4.14 -23.30 -4.77
C PRO A 82 4.37 -22.28 -3.67
N LYS A 83 3.41 -21.38 -3.48
CA LYS A 83 3.50 -20.33 -2.48
C LYS A 83 3.42 -20.89 -1.05
N ASP A 84 2.81 -22.07 -0.90
CA ASP A 84 2.65 -22.68 0.42
C ASP A 84 4.01 -22.95 1.06
N GLU A 85 4.98 -23.39 0.26
CA GLU A 85 6.33 -23.68 0.76
C GLU A 85 7.21 -22.42 0.84
N LEU A 86 6.75 -21.33 0.24
CA LEU A 86 7.51 -20.07 0.24
C LEU A 86 7.05 -19.20 1.42
N ASP A 87 8.02 -18.66 2.14
CA ASP A 87 7.74 -17.81 3.29
C ASP A 87 8.55 -16.52 3.21
N TYR A 88 8.14 -15.51 3.99
CA TYR A 88 8.81 -14.22 4.00
C TYR A 88 10.29 -14.38 4.35
N ALA A 89 10.57 -15.17 5.38
CA ALA A 89 11.96 -15.40 5.83
C ALA A 89 12.67 -16.48 5.00
N ASN A 90 11.92 -17.19 4.14
CA ASN A 90 12.51 -18.25 3.33
C ASN A 90 12.76 -17.82 1.89
N ASP A 91 11.69 -17.46 1.16
CA ASP A 91 11.83 -17.06 -0.25
C ASP A 91 10.85 -15.95 -0.66
N ILE A 92 11.19 -14.71 -0.29
CA ILE A 92 10.36 -13.56 -0.63
C ILE A 92 11.26 -12.35 -0.90
N GLU A 93 10.96 -11.65 -2.00
CA GLU A 93 11.71 -10.46 -2.39
C GLU A 93 10.89 -9.21 -2.08
N LYS A 94 11.57 -8.15 -1.64
CA LYS A 94 10.91 -6.89 -1.30
C LYS A 94 11.82 -5.71 -1.61
N LYS A 95 11.22 -4.52 -1.78
CA LYS A 95 12.00 -3.32 -2.10
C LYS A 95 11.35 -2.07 -1.50
N ILE A 96 12.19 -1.08 -1.19
CA ILE A 96 11.72 0.19 -0.62
C ILE A 96 11.89 1.31 -1.66
N CYS A 97 10.94 2.24 -1.64
CA CYS A 97 10.98 3.38 -2.55
C CYS A 97 10.15 4.55 -2.00
N LYS A 98 10.76 5.73 -1.96
CA LYS A 98 10.10 6.92 -1.45
C LYS A 98 9.51 7.74 -2.58
N MET A 99 8.41 8.44 -2.30
CA MET A 99 7.74 9.28 -3.30
C MET A 99 8.70 10.36 -3.80
N GLU A 100 8.69 10.57 -5.12
CA GLU A 100 9.56 11.55 -5.76
C GLU A 100 9.29 12.97 -5.26
N LYS A 101 8.01 13.28 -5.05
CA LYS A 101 7.61 14.61 -4.58
C LYS A 101 7.65 14.72 -3.05
N CYS A 102 8.55 13.96 -2.43
CA CYS A 102 8.70 13.97 -0.97
C CYS A 102 10.08 14.49 -0.58
N SER A 103 10.51 15.56 -1.27
CA SER A 103 11.81 16.17 -1.02
C SER A 103 11.92 16.70 0.40
N SER A 104 10.78 16.93 1.06
CA SER A 104 10.78 17.44 2.43
C SER A 104 11.18 16.32 3.39
N VAL A 105 12.40 15.82 3.20
CA VAL A 105 12.93 14.72 4.03
C VAL A 105 13.07 15.16 5.49
N PHE A 106 13.31 16.46 5.71
CA PHE A 106 13.46 16.99 7.06
C PHE A 106 12.10 17.10 7.75
N ASN A 107 12.09 16.79 9.05
CA ASN A 107 10.86 16.83 9.83
C ASN A 107 11.15 17.20 11.28
N VAL A 108 10.09 17.50 12.02
CA VAL A 108 10.23 17.84 13.44
C VAL A 108 9.27 16.97 14.26
N VAL A 109 9.82 15.91 14.84
CA VAL A 109 9.03 14.98 15.64
C VAL A 109 9.66 14.81 17.03
N ASN A 110 8.83 14.46 18.01
CA ASN A 110 9.30 14.26 19.38
C ASN A 110 9.43 12.78 19.74
N SER A 111 9.46 11.91 18.73
CA SER A 111 9.58 10.47 18.96
C SER A 111 10.89 10.14 19.68
N SER A 112 11.95 10.86 19.31
CA SER A 112 13.26 10.64 19.94
C SER A 112 13.55 11.64 21.07
N GLU A 113 12.60 12.55 21.31
CA GLU A 113 12.75 13.56 22.36
C GLU A 113 12.11 13.11 23.69
N ASN A 114 11.50 11.93 23.70
CA ASN A 114 10.85 11.40 24.91
C ASN A 114 11.84 11.23 26.07
N LEU A 115 13.13 11.14 25.74
CA LEU A 115 14.17 10.97 26.76
C LEU A 115 14.27 12.22 27.66
N TYR A 116 14.07 13.40 27.06
CA TYR A 116 14.14 14.65 27.80
C TYR A 116 13.02 14.75 28.83
N PHE A 117 11.84 14.27 28.44
CA PHE A 117 10.66 14.30 29.31
C PHE A 117 10.85 13.43 30.54
N GLN A 118 11.48 12.27 30.34
CA GLN A 118 11.73 11.33 31.44
C GLN A 118 12.66 11.97 32.48
N SER A 119 13.68 12.69 32.00
CA SER A 119 14.63 13.36 32.88
C SER A 119 13.93 14.40 33.75
N GLY A 120 12.99 15.14 33.15
CA GLY A 120 12.25 16.17 33.87
C GLY A 120 11.22 15.55 34.80
N GLY A 121 10.67 16.39 35.69
CA GLY A 121 9.66 15.94 36.65
C GLY A 121 9.19 17.08 37.53
N HIS A 122 8.31 16.77 38.49
CA HIS A 122 7.77 17.78 39.40
C HIS A 122 7.90 17.32 40.85
N HIS A 123 8.09 18.27 41.75
CA HIS A 123 8.23 17.96 43.18
C HIS A 123 7.86 19.16 44.04
N HIS A 124 7.64 18.92 45.33
CA HIS A 124 7.28 19.98 46.28
C HIS A 124 7.77 19.62 47.68
N HIS A 125 8.29 20.62 48.39
CA HIS A 125 8.80 20.42 49.75
C HIS A 125 8.71 21.72 50.54
N HIS A 126 8.32 21.60 51.81
CA HIS A 126 8.17 22.78 52.68
C HIS A 126 9.50 23.52 52.81
N HIS A 127 10.58 22.77 53.08
CA HIS A 127 11.92 23.36 53.22
C HIS A 127 12.98 22.27 53.38
N MET A 1 -52.09 20.84 16.88
CA MET A 1 -52.37 21.70 18.07
C MET A 1 -52.22 20.87 19.34
N LYS A 2 -52.09 21.58 20.47
CA LYS A 2 -51.94 20.91 21.77
C LYS A 2 -53.16 20.05 22.10
N ASN A 3 -54.32 20.39 21.52
CA ASN A 3 -55.56 19.64 21.77
C ASN A 3 -55.40 18.19 21.31
N ASN A 4 -54.77 18.01 20.15
CA ASN A 4 -54.55 16.66 19.60
C ASN A 4 -53.09 16.25 19.77
N GLN A 5 -52.90 15.06 20.33
CA GLN A 5 -51.55 14.54 20.55
C GLN A 5 -50.82 14.33 19.22
N GLY A 6 -51.56 13.83 18.23
CA GLY A 6 -50.99 13.58 16.91
C GLY A 6 -50.22 12.26 16.89
N ASN A 7 -49.51 12.02 15.78
CA ASN A 7 -48.72 10.79 15.63
C ASN A 7 -47.65 10.70 16.71
N GLY A 8 -47.00 11.84 16.98
CA GLY A 8 -45.95 11.91 17.99
C GLY A 8 -44.57 11.71 17.36
N GLN A 9 -43.56 12.32 17.96
CA GLN A 9 -42.18 12.22 17.48
C GLN A 9 -41.67 10.78 17.60
N GLY A 10 -42.02 10.13 18.71
CA GLY A 10 -41.59 8.76 18.96
C GLY A 10 -42.10 7.80 17.89
N HIS A 11 -43.35 8.01 17.48
CA HIS A 11 -43.96 7.16 16.46
C HIS A 11 -43.41 7.51 15.08
N ASN A 12 -43.31 6.49 14.22
CA ASN A 12 -42.78 6.68 12.87
C ASN A 12 -43.30 5.59 11.94
N MET A 13 -42.95 5.70 10.65
CA MET A 13 -43.37 4.72 9.65
C MET A 13 -42.64 3.38 9.85
N PRO A 14 -43.24 2.25 9.49
CA PRO A 14 -42.57 0.91 9.65
C PRO A 14 -41.43 0.71 8.67
N ASN A 15 -40.48 -0.15 9.03
CA ASN A 15 -39.33 -0.44 8.18
C ASN A 15 -39.66 -1.60 7.24
N ASP A 16 -38.89 -1.71 6.15
CA ASP A 16 -39.10 -2.78 5.18
C ASP A 16 -37.84 -3.67 5.09
N PRO A 17 -37.73 -4.71 5.93
CA PRO A 17 -36.54 -5.62 5.91
C PRO A 17 -36.49 -6.50 4.65
N ASN A 18 -37.64 -6.63 3.98
CA ASN A 18 -37.73 -7.45 2.77
C ASN A 18 -36.77 -6.93 1.68
N ARG A 19 -36.74 -5.61 1.52
CA ARG A 19 -35.88 -4.99 0.51
C ARG A 19 -34.41 -5.10 0.92
N ASN A 20 -33.56 -5.43 -0.05
CA ASN A 20 -32.12 -5.56 0.20
C ASN A 20 -31.35 -5.57 -1.12
N VAL A 21 -30.16 -4.96 -1.12
CA VAL A 21 -29.32 -4.91 -2.31
C VAL A 21 -27.84 -4.96 -1.91
N ASP A 22 -27.14 -5.97 -2.43
CA ASP A 22 -25.70 -6.14 -2.14
C ASP A 22 -24.85 -5.86 -3.38
N GLU A 23 -25.42 -5.13 -4.35
CA GLU A 23 -24.71 -4.79 -5.58
C GLU A 23 -23.50 -3.90 -5.28
N ASN A 24 -23.68 -2.97 -4.35
CA ASN A 24 -22.62 -2.05 -3.96
C ASN A 24 -21.43 -2.82 -3.39
N ALA A 25 -21.72 -3.82 -2.57
CA ALA A 25 -20.67 -4.65 -1.97
C ALA A 25 -19.85 -5.37 -3.03
N ASN A 26 -20.54 -5.86 -4.07
CA ASN A 26 -19.88 -6.58 -5.15
C ASN A 26 -18.86 -5.69 -5.84
N ALA A 27 -19.24 -4.42 -6.08
CA ALA A 27 -18.35 -3.47 -6.75
C ALA A 27 -17.08 -3.26 -5.92
N ASN A 28 -17.25 -3.17 -4.60
CA ASN A 28 -16.12 -2.97 -3.70
C ASN A 28 -15.14 -4.14 -3.77
N SER A 29 -15.70 -5.35 -3.87
CA SER A 29 -14.89 -6.56 -3.96
C SER A 29 -13.98 -6.55 -5.18
N ALA A 30 -14.49 -5.99 -6.28
CA ALA A 30 -13.72 -5.93 -7.53
C ALA A 30 -12.70 -4.79 -7.56
N VAL A 31 -12.53 -4.12 -6.42
CA VAL A 31 -11.57 -3.01 -6.31
C VAL A 31 -10.78 -3.13 -5.02
N LYS A 32 -9.63 -2.45 -4.98
CA LYS A 32 -8.75 -2.46 -3.80
C LYS A 32 -8.51 -1.03 -3.33
N ASN A 33 -8.38 -0.88 -2.01
CA ASN A 33 -8.15 0.44 -1.42
C ASN A 33 -6.72 0.90 -1.66
N ASN A 34 -6.58 2.16 -2.07
CA ASN A 34 -5.27 2.75 -2.33
C ASN A 34 -5.32 4.26 -2.15
N ASN A 35 -5.58 4.68 -0.91
CA ASN A 35 -5.66 6.10 -0.57
C ASN A 35 -4.28 6.68 -0.30
N ASN A 36 -4.24 7.98 0.00
CA ASN A 36 -2.98 8.67 0.29
C ASN A 36 -2.60 8.59 1.78
N GLU A 37 -3.40 7.87 2.57
CA GLU A 37 -3.14 7.73 4.01
C GLU A 37 -2.06 6.67 4.25
N GLU A 38 -1.28 6.86 5.32
CA GLU A 38 -0.22 5.92 5.66
C GLU A 38 -0.76 4.84 6.61
N PRO A 39 -0.90 3.57 6.19
CA PRO A 39 -1.43 2.48 7.08
C PRO A 39 -0.46 2.10 8.19
N SER A 40 -1.02 1.62 9.31
CA SER A 40 -0.22 1.20 10.46
C SER A 40 0.36 -0.19 10.27
N ASP A 41 1.37 -0.52 11.07
CA ASP A 41 2.03 -1.82 11.00
C ASP A 41 1.03 -2.94 11.22
N LYS A 42 0.09 -2.75 12.15
CA LYS A 42 -0.92 -3.77 12.44
C LYS A 42 -1.74 -4.04 11.18
N HIS A 43 -2.03 -2.97 10.44
CA HIS A 43 -2.79 -3.06 9.19
C HIS A 43 -1.89 -3.46 8.01
N ILE A 44 -0.59 -3.31 8.16
CA ILE A 44 0.35 -3.65 7.08
C ILE A 44 0.84 -5.10 7.20
N LYS A 45 1.51 -5.44 8.31
CA LYS A 45 2.05 -6.81 8.48
C LYS A 45 0.95 -7.87 8.28
N GLU A 46 -0.30 -7.51 8.58
CA GLU A 46 -1.43 -8.43 8.43
C GLU A 46 -1.55 -8.89 6.96
N TYR A 47 -1.14 -8.01 6.05
CA TYR A 47 -1.21 -8.28 4.61
C TYR A 47 -0.26 -9.42 4.24
N LEU A 48 0.87 -9.48 4.93
CA LEU A 48 1.88 -10.50 4.66
C LEU A 48 1.26 -11.89 4.77
N ASN A 49 0.36 -12.06 5.72
CA ASN A 49 -0.32 -13.35 5.91
C ASN A 49 -1.61 -13.44 5.07
N LYS A 50 -2.05 -12.31 4.50
CA LYS A 50 -3.27 -12.27 3.70
C LYS A 50 -2.99 -12.53 2.22
N ILE A 51 -2.09 -11.74 1.62
CA ILE A 51 -1.78 -11.90 0.19
C ILE A 51 -0.87 -13.11 -0.08
N GLN A 52 -0.21 -13.64 0.97
CA GLN A 52 0.68 -14.79 0.78
C GLN A 52 0.01 -15.91 -0.01
N ASN A 53 -1.31 -16.05 0.18
CA ASN A 53 -2.08 -17.07 -0.52
C ASN A 53 -2.05 -16.81 -2.04
N SER A 54 -2.14 -15.55 -2.42
CA SER A 54 -2.14 -15.15 -3.83
C SER A 54 -0.84 -14.47 -4.25
N LEU A 55 0.21 -14.59 -3.43
CA LEU A 55 1.49 -13.98 -3.73
C LEU A 55 1.98 -14.41 -5.12
N SER A 56 2.56 -13.46 -5.84
CA SER A 56 3.08 -13.71 -7.19
C SER A 56 4.15 -12.70 -7.52
N THR A 57 4.88 -12.95 -8.61
CA THR A 57 5.95 -12.05 -9.03
C THR A 57 5.38 -10.93 -9.90
N GLU A 58 5.49 -9.69 -9.40
CA GLU A 58 5.00 -8.52 -10.12
C GLU A 58 5.42 -7.24 -9.40
N TRP A 59 5.77 -6.21 -10.17
CA TRP A 59 6.17 -4.93 -9.59
C TRP A 59 4.93 -4.05 -9.40
N SER A 60 4.56 -3.84 -8.13
CA SER A 60 3.38 -3.03 -7.81
C SER A 60 3.77 -1.61 -7.39
N PRO A 61 2.82 -0.67 -7.36
CA PRO A 61 3.11 0.75 -6.97
C PRO A 61 3.67 0.85 -5.55
N CYS A 62 4.50 1.87 -5.33
CA CYS A 62 5.12 2.09 -4.02
C CYS A 62 4.04 2.18 -2.93
N SER A 63 2.88 2.74 -3.30
CA SER A 63 1.74 2.87 -2.38
C SER A 63 2.05 3.76 -1.16
N VAL A 64 2.96 4.73 -1.35
CA VAL A 64 3.30 5.66 -0.27
C VAL A 64 3.32 7.09 -0.77
N THR A 65 3.12 8.04 0.15
CA THR A 65 3.10 9.46 -0.19
C THR A 65 4.32 10.20 0.41
N CYS A 66 4.93 9.61 1.45
CA CYS A 66 6.09 10.23 2.10
C CYS A 66 6.91 9.18 2.85
N GLY A 67 6.21 8.19 3.43
CA GLY A 67 6.88 7.13 4.16
C GLY A 67 7.48 6.12 3.21
N ASN A 68 8.09 5.08 3.76
CA ASN A 68 8.71 4.04 2.95
C ASN A 68 7.68 3.01 2.52
N GLY A 69 7.67 2.71 1.22
CA GLY A 69 6.75 1.72 0.66
C GLY A 69 7.50 0.42 0.39
N ILE A 70 6.94 -0.69 0.83
CA ILE A 70 7.59 -2.00 0.62
C ILE A 70 6.61 -3.01 0.05
N GLN A 71 7.07 -3.72 -0.98
CA GLN A 71 6.28 -4.75 -1.64
C GLN A 71 7.06 -6.05 -1.63
N VAL A 72 6.39 -7.14 -1.25
CA VAL A 72 7.03 -8.45 -1.21
C VAL A 72 6.53 -9.30 -2.38
N ARG A 73 7.47 -9.83 -3.16
CA ARG A 73 7.12 -10.64 -4.33
C ARG A 73 8.02 -11.87 -4.43
N ILE A 74 7.48 -12.92 -5.07
CA ILE A 74 8.23 -14.16 -5.27
C ILE A 74 9.30 -13.94 -6.34
N LYS A 75 10.49 -14.51 -6.12
CA LYS A 75 11.59 -14.38 -7.08
C LYS A 75 11.21 -15.11 -8.38
N PRO A 76 11.68 -14.67 -9.55
CA PRO A 76 11.33 -15.35 -10.84
C PRO A 76 11.80 -16.81 -10.87
N GLY A 77 12.94 -17.06 -10.22
CA GLY A 77 13.51 -18.41 -10.15
C GLY A 77 12.57 -19.34 -9.38
N SER A 78 12.00 -18.83 -8.30
CA SER A 78 11.09 -19.60 -7.45
C SER A 78 9.62 -19.45 -7.89
N ALA A 79 9.37 -18.63 -8.92
CA ALA A 79 8.00 -18.42 -9.41
C ALA A 79 7.39 -19.73 -9.88
N ASN A 80 8.20 -20.54 -10.58
CA ASN A 80 7.74 -21.83 -11.08
C ASN A 80 7.56 -22.84 -9.94
N LYS A 81 8.34 -22.67 -8.87
CA LYS A 81 8.27 -23.57 -7.72
C LYS A 81 6.99 -23.30 -6.91
N PRO A 82 6.43 -24.30 -6.21
CA PRO A 82 5.19 -24.08 -5.39
C PRO A 82 5.39 -22.98 -4.36
N LYS A 83 4.39 -22.14 -4.18
CA LYS A 83 4.45 -21.03 -3.23
C LYS A 83 4.39 -21.51 -1.78
N ASP A 84 3.74 -22.65 -1.56
CA ASP A 84 3.59 -23.19 -0.22
C ASP A 84 4.94 -23.45 0.43
N GLU A 85 5.90 -23.95 -0.36
CA GLU A 85 7.25 -24.21 0.16
C GLU A 85 8.07 -22.91 0.30
N LEU A 86 7.59 -21.82 -0.31
CA LEU A 86 8.29 -20.53 -0.23
C LEU A 86 7.75 -19.73 0.95
N ASP A 87 8.66 -19.08 1.68
CA ASP A 87 8.27 -18.29 2.85
C ASP A 87 8.92 -16.91 2.81
N TYR A 88 8.38 -15.99 3.62
CA TYR A 88 8.87 -14.62 3.68
C TYR A 88 10.40 -14.60 3.90
N ALA A 89 10.86 -15.40 4.83
CA ALA A 89 12.30 -15.47 5.15
C ALA A 89 13.03 -16.53 4.33
N ASN A 90 12.30 -17.29 3.50
CA ASN A 90 12.93 -18.35 2.71
C ASN A 90 13.21 -17.94 1.27
N ASP A 91 12.18 -17.54 0.51
CA ASP A 91 12.37 -17.19 -0.90
C ASP A 91 11.59 -15.95 -1.37
N ILE A 92 11.11 -15.13 -0.44
CA ILE A 92 10.37 -13.93 -0.81
C ILE A 92 11.31 -12.75 -0.93
N GLU A 93 11.26 -12.10 -2.09
CA GLU A 93 12.10 -10.93 -2.37
C GLU A 93 11.22 -9.69 -2.36
N LYS A 94 11.63 -8.70 -1.57
CA LYS A 94 10.88 -7.45 -1.45
C LYS A 94 11.78 -6.26 -1.77
N LYS A 95 11.16 -5.10 -2.00
CA LYS A 95 11.91 -3.89 -2.34
C LYS A 95 11.31 -2.66 -1.65
N ILE A 96 12.16 -1.65 -1.42
CA ILE A 96 11.73 -0.40 -0.79
C ILE A 96 11.58 0.69 -1.84
N CYS A 97 10.56 1.51 -1.62
CA CYS A 97 10.26 2.63 -2.50
C CYS A 97 9.66 3.76 -1.68
N LYS A 98 10.36 4.89 -1.66
CA LYS A 98 9.88 6.05 -0.91
C LYS A 98 9.37 7.09 -1.89
N MET A 99 8.39 7.87 -1.47
CA MET A 99 7.80 8.88 -2.34
C MET A 99 8.82 9.97 -2.68
N GLU A 100 9.23 9.98 -3.94
CA GLU A 100 10.20 10.95 -4.43
C GLU A 100 9.65 12.37 -4.35
N LYS A 101 8.34 12.51 -4.61
CA LYS A 101 7.69 13.82 -4.60
C LYS A 101 7.45 14.36 -3.19
N CYS A 102 7.98 13.67 -2.18
CA CYS A 102 7.83 14.11 -0.79
C CYS A 102 8.99 15.05 -0.41
N SER A 103 9.33 15.94 -1.34
CA SER A 103 10.41 16.91 -1.13
C SER A 103 9.84 18.32 -0.85
N SER A 104 8.63 18.35 -0.24
CA SER A 104 7.95 19.62 0.07
C SER A 104 7.48 20.30 -1.21
N VAL A 105 6.96 19.49 -2.13
CA VAL A 105 6.44 19.99 -3.41
C VAL A 105 4.91 20.00 -3.39
N PHE A 106 4.33 18.96 -2.78
CA PHE A 106 2.88 18.82 -2.68
C PHE A 106 2.25 18.71 -4.06
N ASN A 107 1.56 17.59 -4.29
CA ASN A 107 0.90 17.34 -5.57
C ASN A 107 -0.59 17.07 -5.34
N VAL A 108 -1.41 17.47 -6.31
CA VAL A 108 -2.84 17.26 -6.23
C VAL A 108 -3.27 16.30 -7.33
N VAL A 109 -3.48 15.05 -6.94
CA VAL A 109 -3.87 13.99 -7.88
C VAL A 109 -5.15 13.30 -7.39
N ASN A 110 -6.12 13.15 -8.29
CA ASN A 110 -7.40 12.52 -7.96
C ASN A 110 -7.41 11.03 -8.32
N SER A 111 -6.24 10.39 -8.22
CA SER A 111 -6.09 8.98 -8.53
C SER A 111 -6.97 8.12 -7.61
N SER A 112 -7.01 8.51 -6.33
CA SER A 112 -7.80 7.76 -5.34
C SER A 112 -9.29 7.74 -5.68
N GLU A 113 -9.71 8.68 -6.49
CA GLU A 113 -11.12 8.78 -6.91
C GLU A 113 -11.48 7.71 -7.96
N ASN A 114 -10.46 6.99 -8.47
CA ASN A 114 -10.68 5.95 -9.48
C ASN A 114 -11.59 4.82 -8.96
N LEU A 115 -11.72 4.72 -7.63
CA LEU A 115 -12.57 3.67 -7.03
C LEU A 115 -14.02 3.82 -7.48
N TYR A 116 -14.47 5.07 -7.61
CA TYR A 116 -15.85 5.35 -8.04
C TYR A 116 -16.05 4.92 -9.49
N PHE A 117 -15.03 5.15 -10.31
CA PHE A 117 -15.07 4.81 -11.73
C PHE A 117 -15.16 3.29 -11.92
N GLN A 118 -14.43 2.55 -11.09
CA GLN A 118 -14.43 1.10 -11.16
C GLN A 118 -15.82 0.55 -10.85
N SER A 119 -16.49 1.15 -9.86
CA SER A 119 -17.82 0.73 -9.47
C SER A 119 -18.81 0.89 -10.62
N GLY A 120 -18.66 1.99 -11.37
CA GLY A 120 -19.54 2.27 -12.51
C GLY A 120 -20.99 2.38 -12.06
N GLY A 121 -21.88 1.66 -12.75
CA GLY A 121 -23.30 1.69 -12.42
C GLY A 121 -23.98 0.39 -12.85
N HIS A 122 -25.25 0.24 -12.48
CA HIS A 122 -26.02 -0.95 -12.82
C HIS A 122 -27.51 -0.62 -12.90
N HIS A 123 -28.20 -1.28 -13.83
CA HIS A 123 -29.63 -1.06 -14.02
C HIS A 123 -30.43 -2.24 -13.45
N HIS A 124 -31.28 -1.95 -12.47
CA HIS A 124 -32.09 -2.99 -11.83
C HIS A 124 -33.40 -2.39 -11.31
N HIS A 125 -34.50 -3.13 -11.48
CA HIS A 125 -35.81 -2.66 -11.02
C HIS A 125 -35.90 -2.67 -9.50
N HIS A 126 -36.61 -1.69 -8.96
CA HIS A 126 -36.78 -1.57 -7.51
C HIS A 126 -37.48 -2.82 -6.97
N HIS A 127 -38.55 -3.24 -7.66
CA HIS A 127 -39.32 -4.42 -7.24
C HIS A 127 -38.85 -5.65 -8.02
N MET A 1 -43.77 8.73 -51.31
CA MET A 1 -44.73 7.69 -50.83
C MET A 1 -43.97 6.42 -50.49
N LYS A 2 -43.74 6.21 -49.20
CA LYS A 2 -43.01 5.02 -48.73
C LYS A 2 -43.47 4.61 -47.33
N ASN A 3 -43.25 3.34 -46.99
CA ASN A 3 -43.64 2.82 -45.68
C ASN A 3 -42.43 2.57 -44.78
N ASN A 4 -41.28 3.16 -45.13
CA ASN A 4 -40.06 3.00 -44.35
C ASN A 4 -39.96 4.07 -43.27
N GLN A 5 -40.17 3.67 -42.02
CA GLN A 5 -40.11 4.59 -40.88
C GLN A 5 -38.69 5.15 -40.69
N GLY A 6 -37.68 4.42 -41.17
CA GLY A 6 -36.29 4.84 -41.05
C GLY A 6 -35.71 4.44 -39.69
N ASN A 7 -34.43 4.78 -39.48
CA ASN A 7 -33.75 4.46 -38.23
C ASN A 7 -34.42 5.15 -37.04
N GLY A 8 -34.84 6.40 -37.26
CA GLY A 8 -35.49 7.18 -36.21
C GLY A 8 -34.47 7.84 -35.31
N GLN A 9 -34.95 8.48 -34.24
CA GLN A 9 -34.07 9.15 -33.29
C GLN A 9 -33.11 8.16 -32.63
N GLY A 10 -33.64 6.98 -32.28
CA GLY A 10 -32.84 5.94 -31.65
C GLY A 10 -33.73 4.98 -30.86
N HIS A 11 -33.09 4.14 -30.04
CA HIS A 11 -33.81 3.16 -29.22
C HIS A 11 -33.53 3.40 -27.74
N ASN A 12 -34.59 3.35 -26.93
CA ASN A 12 -34.47 3.56 -25.48
C ASN A 12 -35.30 2.53 -24.73
N MET A 13 -34.59 1.63 -24.02
CA MET A 13 -35.26 0.59 -23.25
C MET A 13 -35.98 1.18 -22.01
N PRO A 14 -37.00 0.52 -21.47
CA PRO A 14 -37.73 1.03 -20.27
C PRO A 14 -36.92 0.88 -18.98
N ASN A 15 -37.23 1.72 -17.99
CA ASN A 15 -36.54 1.68 -16.71
C ASN A 15 -37.25 0.74 -15.76
N ASP A 16 -36.55 0.29 -14.72
CA ASP A 16 -37.14 -0.63 -13.74
C ASP A 16 -37.14 0.03 -12.34
N PRO A 17 -38.19 0.77 -11.98
CA PRO A 17 -38.28 1.43 -10.64
C PRO A 17 -38.51 0.43 -9.50
N ASN A 18 -39.00 -0.77 -9.86
CA ASN A 18 -39.27 -1.81 -8.88
C ASN A 18 -37.99 -2.25 -8.18
N ARG A 19 -36.90 -2.33 -8.94
CA ARG A 19 -35.61 -2.73 -8.38
C ARG A 19 -35.12 -1.73 -7.34
N ASN A 20 -34.52 -2.26 -6.28
CA ASN A 20 -34.00 -1.43 -5.18
C ASN A 20 -32.50 -1.67 -5.00
N VAL A 21 -31.80 -0.64 -4.53
CA VAL A 21 -30.36 -0.74 -4.30
C VAL A 21 -30.07 -0.52 -2.81
N ASP A 22 -29.71 -1.60 -2.13
CA ASP A 22 -29.40 -1.55 -0.70
C ASP A 22 -27.89 -1.64 -0.44
N GLU A 23 -27.10 -1.43 -1.49
CA GLU A 23 -25.64 -1.49 -1.38
C GLU A 23 -25.14 -0.38 -0.46
N ASN A 24 -25.74 0.80 -0.60
CA ASN A 24 -25.36 1.95 0.22
C ASN A 24 -25.65 1.66 1.69
N ALA A 25 -26.79 1.05 1.95
CA ALA A 25 -27.20 0.71 3.31
C ALA A 25 -26.22 -0.27 3.94
N ASN A 26 -25.75 -1.24 3.13
CA ASN A 26 -24.79 -2.24 3.61
C ASN A 26 -23.49 -1.58 4.05
N ALA A 27 -23.05 -0.57 3.29
CA ALA A 27 -21.82 0.14 3.61
C ALA A 27 -21.92 0.81 4.99
N ASN A 28 -23.09 1.40 5.26
CA ASN A 28 -23.32 2.08 6.53
C ASN A 28 -23.22 1.10 7.70
N SER A 29 -23.82 -0.08 7.53
CA SER A 29 -23.79 -1.12 8.56
C SER A 29 -22.37 -1.62 8.82
N ALA A 30 -21.53 -1.55 7.78
CA ALA A 30 -20.14 -1.99 7.89
C ALA A 30 -19.21 -0.85 8.33
N VAL A 31 -19.79 0.20 8.90
CA VAL A 31 -19.02 1.36 9.37
C VAL A 31 -18.28 1.98 8.19
N LYS A 32 -17.83 3.23 8.35
CA LYS A 32 -17.12 3.95 7.30
C LYS A 32 -15.83 3.22 6.91
N ASN A 33 -15.16 2.69 7.92
CA ASN A 33 -13.91 1.95 7.73
C ASN A 33 -12.85 2.83 7.05
N ASN A 34 -13.00 4.14 7.18
CA ASN A 34 -12.07 5.10 6.59
C ASN A 34 -10.70 4.97 7.25
N ASN A 35 -9.64 5.11 6.45
CA ASN A 35 -8.28 5.02 6.96
C ASN A 35 -7.79 6.37 7.44
N ASN A 36 -7.84 6.58 8.77
CA ASN A 36 -7.38 7.84 9.37
C ASN A 36 -5.95 7.70 9.92
N GLU A 37 -5.54 6.46 10.19
CA GLU A 37 -4.21 6.18 10.71
C GLU A 37 -3.55 5.05 9.94
N GLU A 38 -2.22 5.07 9.88
CA GLU A 38 -1.48 4.04 9.15
C GLU A 38 -1.63 2.68 9.86
N PRO A 39 -1.59 1.56 9.14
CA PRO A 39 -1.75 0.20 9.77
C PRO A 39 -0.55 -0.17 10.64
N SER A 40 -0.79 -1.01 11.66
CA SER A 40 0.26 -1.44 12.56
C SER A 40 0.93 -2.72 12.05
N ASP A 41 1.99 -3.12 12.73
CA ASP A 41 2.74 -4.32 12.38
C ASP A 41 1.86 -5.55 12.50
N LYS A 42 1.00 -5.58 13.52
CA LYS A 42 0.12 -6.72 13.72
C LYS A 42 -0.80 -6.90 12.52
N HIS A 43 -1.32 -5.79 12.01
CA HIS A 43 -2.19 -5.82 10.84
C HIS A 43 -1.38 -6.11 9.56
N ILE A 44 -0.24 -5.43 9.44
CA ILE A 44 0.62 -5.57 8.27
C ILE A 44 1.18 -7.00 8.15
N LYS A 45 1.67 -7.55 9.26
CA LYS A 45 2.24 -8.92 9.22
C LYS A 45 1.17 -9.92 8.73
N GLU A 46 -0.09 -9.66 9.07
CA GLU A 46 -1.20 -10.54 8.66
C GLU A 46 -1.32 -10.53 7.14
N TYR A 47 -1.11 -9.36 6.54
CA TYR A 47 -1.16 -9.21 5.09
C TYR A 47 -0.15 -10.13 4.42
N LEU A 48 1.05 -10.18 4.99
CA LEU A 48 2.09 -11.05 4.43
C LEU A 48 1.64 -12.49 4.40
N ASN A 49 0.95 -12.92 5.46
CA ASN A 49 0.44 -14.29 5.53
C ASN A 49 -0.94 -14.42 4.86
N LYS A 50 -1.56 -13.29 4.54
CA LYS A 50 -2.88 -13.29 3.91
C LYS A 50 -2.76 -13.41 2.39
N ILE A 51 -1.92 -12.58 1.77
CA ILE A 51 -1.76 -12.61 0.31
C ILE A 51 -0.72 -13.63 -0.13
N GLN A 52 0.13 -14.11 0.80
CA GLN A 52 1.18 -15.08 0.44
C GLN A 52 0.64 -16.20 -0.47
N ASN A 53 -0.60 -16.60 -0.23
CA ASN A 53 -1.23 -17.65 -1.02
C ASN A 53 -1.44 -17.22 -2.47
N SER A 54 -1.79 -15.94 -2.67
CA SER A 54 -2.04 -15.41 -4.02
C SER A 54 -0.92 -14.51 -4.53
N LEU A 55 0.20 -14.46 -3.80
CA LEU A 55 1.34 -13.62 -4.21
C LEU A 55 1.88 -14.04 -5.57
N SER A 56 2.28 -13.05 -6.35
CA SER A 56 2.83 -13.28 -7.69
C SER A 56 4.06 -12.40 -7.91
N THR A 57 4.78 -12.63 -9.02
CA THR A 57 5.98 -11.84 -9.31
C THR A 57 5.64 -10.65 -10.20
N GLU A 58 5.84 -9.43 -9.68
CA GLU A 58 5.57 -8.22 -10.45
C GLU A 58 6.06 -6.98 -9.69
N TRP A 59 6.84 -6.14 -10.38
CA TRP A 59 7.34 -4.91 -9.77
C TRP A 59 6.20 -3.88 -9.77
N SER A 60 5.67 -3.59 -8.58
CA SER A 60 4.57 -2.65 -8.45
C SER A 60 5.06 -1.25 -8.05
N PRO A 61 4.31 -0.20 -8.37
CA PRO A 61 4.71 1.21 -8.01
C PRO A 61 4.92 1.36 -6.51
N CYS A 62 5.76 2.33 -6.13
CA CYS A 62 6.07 2.59 -4.73
C CYS A 62 4.79 2.62 -3.87
N SER A 63 3.68 3.04 -4.50
CA SER A 63 2.37 3.10 -3.83
C SER A 63 2.33 4.14 -2.71
N VAL A 64 3.22 5.13 -2.76
CA VAL A 64 3.25 6.20 -1.75
C VAL A 64 3.39 7.55 -2.40
N THR A 65 2.80 8.57 -1.77
CA THR A 65 2.84 9.93 -2.28
C THR A 65 4.18 10.58 -1.92
N CYS A 66 4.61 10.40 -0.66
CA CYS A 66 5.85 11.00 -0.20
C CYS A 66 6.56 10.09 0.83
N GLY A 67 5.78 9.29 1.56
CA GLY A 67 6.35 8.39 2.57
C GLY A 67 6.97 7.18 1.91
N ASN A 68 7.44 6.25 2.74
CA ASN A 68 8.07 5.04 2.26
C ASN A 68 7.04 3.99 1.88
N GLY A 69 7.22 3.38 0.72
CA GLY A 69 6.30 2.35 0.23
C GLY A 69 7.03 1.00 0.15
N ILE A 70 6.32 -0.08 0.47
CA ILE A 70 6.92 -1.42 0.42
C ILE A 70 6.05 -2.38 -0.39
N GLN A 71 6.72 -3.18 -1.23
CA GLN A 71 6.05 -4.16 -2.07
C GLN A 71 6.59 -5.55 -1.77
N VAL A 72 5.70 -6.54 -1.72
CA VAL A 72 6.10 -7.92 -1.43
C VAL A 72 5.75 -8.80 -2.63
N ARG A 73 6.78 -9.43 -3.21
CA ARG A 73 6.58 -10.29 -4.38
C ARG A 73 7.46 -11.54 -4.29
N ILE A 74 7.06 -12.58 -5.03
CA ILE A 74 7.81 -13.83 -5.07
C ILE A 74 8.97 -13.70 -6.05
N LYS A 75 10.15 -14.19 -5.65
CA LYS A 75 11.33 -14.12 -6.52
C LYS A 75 11.05 -14.89 -7.83
N PRO A 76 11.45 -14.38 -8.99
CA PRO A 76 11.21 -15.08 -10.30
C PRO A 76 11.70 -16.52 -10.28
N GLY A 77 12.83 -16.74 -9.60
CA GLY A 77 13.41 -18.08 -9.50
C GLY A 77 12.47 -19.03 -8.78
N SER A 78 11.82 -18.54 -7.73
CA SER A 78 10.88 -19.33 -6.94
C SER A 78 9.42 -19.16 -7.44
N ALA A 79 9.23 -18.38 -8.51
CA ALA A 79 7.89 -18.15 -9.05
C ALA A 79 7.25 -19.46 -9.51
N ASN A 80 8.06 -20.33 -10.12
CA ASN A 80 7.56 -21.63 -10.60
C ASN A 80 7.11 -22.51 -9.43
N LYS A 81 7.79 -22.38 -8.29
CA LYS A 81 7.45 -23.18 -7.11
C LYS A 81 6.14 -22.69 -6.47
N PRO A 82 5.42 -23.56 -5.75
CA PRO A 82 4.13 -23.17 -5.08
C PRO A 82 4.35 -22.20 -3.93
N LYS A 83 3.36 -21.36 -3.68
CA LYS A 83 3.45 -20.34 -2.63
C LYS A 83 3.40 -20.92 -1.22
N ASP A 84 2.84 -22.13 -1.08
CA ASP A 84 2.72 -22.77 0.22
C ASP A 84 4.08 -22.97 0.88
N GLU A 85 5.07 -23.36 0.08
CA GLU A 85 6.42 -23.60 0.59
C GLU A 85 7.25 -22.31 0.73
N LEU A 86 6.75 -21.21 0.16
CA LEU A 86 7.47 -19.94 0.21
C LEU A 86 7.15 -19.20 1.50
N ASP A 87 8.15 -18.53 2.05
CA ASP A 87 7.99 -17.76 3.28
C ASP A 87 8.57 -16.36 3.11
N TYR A 88 8.02 -15.41 3.88
CA TYR A 88 8.45 -14.02 3.82
C TYR A 88 9.97 -13.87 3.92
N ALA A 89 10.58 -14.64 4.83
CA ALA A 89 12.03 -14.56 5.04
C ALA A 89 12.84 -15.54 4.19
N ASN A 90 12.17 -16.50 3.53
CA ASN A 90 12.87 -17.51 2.75
C ASN A 90 12.91 -17.22 1.25
N ASP A 91 11.74 -17.18 0.60
CA ASP A 91 11.70 -16.98 -0.87
C ASP A 91 10.91 -15.74 -1.30
N ILE A 92 10.57 -14.87 -0.37
CA ILE A 92 9.83 -13.65 -0.69
C ILE A 92 10.79 -12.48 -0.81
N GLU A 93 10.64 -11.76 -1.91
CA GLU A 93 11.47 -10.59 -2.19
C GLU A 93 10.64 -9.33 -1.97
N LYS A 94 11.25 -8.34 -1.33
CA LYS A 94 10.55 -7.08 -1.05
C LYS A 94 11.49 -5.91 -1.27
N LYS A 95 10.91 -4.73 -1.52
CA LYS A 95 11.71 -3.53 -1.77
C LYS A 95 10.98 -2.28 -1.25
N ILE A 96 11.78 -1.32 -0.80
CA ILE A 96 11.26 -0.06 -0.29
C ILE A 96 11.43 1.03 -1.35
N CYS A 97 10.46 1.93 -1.41
CA CYS A 97 10.49 3.03 -2.36
C CYS A 97 9.84 4.26 -1.74
N LYS A 98 10.64 5.29 -1.57
CA LYS A 98 10.18 6.54 -1.01
C LYS A 98 10.04 7.56 -2.13
N MET A 99 8.91 8.26 -2.16
CA MET A 99 8.69 9.25 -3.21
C MET A 99 9.62 10.44 -3.03
N GLU A 100 10.87 10.25 -3.47
CA GLU A 100 11.90 11.28 -3.40
C GLU A 100 11.51 12.44 -4.31
N LYS A 101 10.90 12.10 -5.45
CA LYS A 101 10.45 13.07 -6.44
C LYS A 101 9.06 13.62 -6.06
N CYS A 102 8.82 13.76 -4.76
CA CYS A 102 7.54 14.27 -4.25
C CYS A 102 7.06 15.51 -5.01
N SER A 103 8.01 16.25 -5.62
CA SER A 103 7.69 17.45 -6.39
C SER A 103 6.75 17.11 -7.55
N SER A 104 7.04 15.96 -8.19
CA SER A 104 6.28 15.45 -9.36
C SER A 104 4.97 16.20 -9.60
N VAL A 105 5.03 17.13 -10.55
CA VAL A 105 3.87 17.96 -10.90
C VAL A 105 2.71 17.04 -11.31
N PHE A 106 3.01 16.02 -12.13
CA PHE A 106 1.98 15.09 -12.56
C PHE A 106 1.42 14.38 -11.33
N ASN A 107 0.10 14.34 -11.21
CA ASN A 107 -0.57 13.71 -10.07
C ASN A 107 -0.28 12.22 -10.04
N VAL A 108 0.10 11.74 -8.87
CA VAL A 108 0.38 10.32 -8.67
C VAL A 108 -0.44 9.81 -7.49
N VAL A 109 -1.63 9.29 -7.79
CA VAL A 109 -2.52 8.78 -6.74
C VAL A 109 -2.30 7.29 -6.53
N ASN A 110 -2.29 6.88 -5.26
CA ASN A 110 -2.09 5.48 -4.90
C ASN A 110 -3.38 4.84 -4.37
N SER A 111 -4.52 5.50 -4.59
CA SER A 111 -5.81 4.99 -4.13
C SER A 111 -6.12 3.64 -4.78
N SER A 112 -5.82 3.54 -6.07
CA SER A 112 -6.06 2.29 -6.81
C SER A 112 -5.18 1.16 -6.29
N GLU A 113 -4.12 1.51 -5.60
CA GLU A 113 -3.17 0.53 -5.05
C GLU A 113 -3.44 0.29 -3.56
N ASN A 114 -4.03 1.29 -2.89
CA ASN A 114 -4.31 1.21 -1.46
C ASN A 114 -5.26 0.04 -1.14
N LEU A 115 -6.27 -0.14 -1.99
CA LEU A 115 -7.26 -1.20 -1.80
C LEU A 115 -6.58 -2.56 -1.57
N TYR A 116 -5.47 -2.80 -2.26
CA TYR A 116 -4.75 -4.06 -2.11
C TYR A 116 -4.22 -4.24 -0.69
N PHE A 117 -3.78 -3.14 -0.10
CA PHE A 117 -3.22 -3.15 1.27
C PHE A 117 -4.30 -3.53 2.29
N GLN A 118 -5.53 -3.05 2.05
CA GLN A 118 -6.64 -3.33 2.95
C GLN A 118 -6.29 -2.88 4.37
N SER A 119 -5.75 -1.66 4.47
CA SER A 119 -5.37 -1.09 5.76
C SER A 119 -6.58 -0.97 6.68
N GLY A 120 -7.74 -0.65 6.09
CA GLY A 120 -8.97 -0.51 6.86
C GLY A 120 -8.83 0.56 7.93
N GLY A 121 -9.17 0.19 9.17
CA GLY A 121 -9.09 1.11 10.30
C GLY A 121 -10.48 1.47 10.80
N HIS A 122 -10.55 1.92 12.06
CA HIS A 122 -11.83 2.30 12.67
C HIS A 122 -11.66 3.57 13.50
N HIS A 123 -12.47 4.58 13.18
CA HIS A 123 -12.41 5.86 13.90
C HIS A 123 -12.96 5.72 15.32
N HIS A 124 -12.55 6.63 16.19
CA HIS A 124 -12.99 6.60 17.59
C HIS A 124 -13.33 8.01 18.07
N HIS A 125 -14.26 8.09 19.03
CA HIS A 125 -14.67 9.38 19.59
C HIS A 125 -14.57 9.36 21.11
N HIS A 126 -14.12 10.47 21.69
CA HIS A 126 -13.97 10.59 23.14
C HIS A 126 -14.57 11.89 23.64
N HIS A 127 -15.10 11.86 24.87
CA HIS A 127 -15.71 13.05 25.47
C HIS A 127 -16.80 13.61 24.57
N MET A 1 -49.02 -44.13 11.49
CA MET A 1 -49.24 -44.54 12.91
C MET A 1 -48.22 -43.82 13.81
N LYS A 2 -46.97 -43.80 13.36
CA LYS A 2 -45.90 -43.14 14.12
C LYS A 2 -46.03 -41.62 14.05
N ASN A 3 -45.69 -40.96 15.14
CA ASN A 3 -45.77 -39.50 15.21
C ASN A 3 -44.38 -38.87 15.33
N ASN A 4 -43.36 -39.56 14.80
CA ASN A 4 -41.99 -39.07 14.84
C ASN A 4 -41.68 -38.22 13.61
N GLN A 5 -41.58 -36.91 13.81
CA GLN A 5 -41.29 -35.98 12.73
C GLN A 5 -39.92 -36.28 12.13
N GLY A 6 -38.95 -36.58 13.00
CA GLY A 6 -37.59 -36.89 12.57
C GLY A 6 -36.71 -35.64 12.59
N ASN A 7 -35.40 -35.84 12.51
CA ASN A 7 -34.44 -34.73 12.51
C ASN A 7 -34.66 -33.82 11.31
N GLY A 8 -34.94 -34.43 10.15
CA GLY A 8 -35.16 -33.67 8.92
C GLY A 8 -33.84 -33.27 8.29
N GLN A 9 -33.89 -32.37 7.31
CA GLN A 9 -32.69 -31.90 6.62
C GLN A 9 -31.76 -31.18 7.59
N GLY A 10 -32.35 -30.38 8.48
CA GLY A 10 -31.58 -29.64 9.48
C GLY A 10 -32.43 -28.54 10.13
N HIS A 11 -31.83 -27.85 11.10
CA HIS A 11 -32.54 -26.78 11.80
C HIS A 11 -31.78 -25.45 11.65
N ASN A 12 -32.53 -24.37 11.48
CA ASN A 12 -31.92 -23.04 11.32
C ASN A 12 -31.35 -22.56 12.66
N MET A 13 -30.18 -21.92 12.59
CA MET A 13 -29.53 -21.41 13.79
C MET A 13 -30.34 -20.24 14.38
N PRO A 14 -30.76 -20.29 15.66
CA PRO A 14 -31.55 -19.18 16.28
C PRO A 14 -30.70 -17.93 16.52
N ASN A 15 -31.34 -16.78 16.57
CA ASN A 15 -30.64 -15.51 16.80
C ASN A 15 -30.44 -15.29 18.29
N ASP A 16 -29.79 -14.18 18.64
CA ASP A 16 -29.55 -13.85 20.05
C ASP A 16 -30.01 -12.40 20.34
N PRO A 17 -31.26 -12.20 20.77
CA PRO A 17 -31.80 -10.82 21.06
C PRO A 17 -30.95 -10.05 22.06
N ASN A 18 -30.26 -10.78 22.92
CA ASN A 18 -29.42 -10.15 23.96
C ASN A 18 -28.35 -9.27 23.34
N ARG A 19 -27.76 -9.72 22.23
CA ARG A 19 -26.72 -8.94 21.55
C ARG A 19 -27.32 -7.70 20.90
N ASN A 20 -26.58 -6.59 20.97
CA ASN A 20 -27.03 -5.32 20.39
C ASN A 20 -26.22 -4.99 19.14
N VAL A 21 -26.83 -4.26 18.21
CA VAL A 21 -26.17 -3.87 16.97
C VAL A 21 -25.95 -2.36 16.97
N ASP A 22 -24.69 -1.97 17.18
CA ASP A 22 -24.32 -0.54 17.19
C ASP A 22 -23.31 -0.22 16.08
N GLU A 23 -23.24 -1.08 15.06
CA GLU A 23 -22.33 -0.88 13.94
C GLU A 23 -22.77 0.30 13.07
N ASN A 24 -24.08 0.45 12.90
CA ASN A 24 -24.63 1.54 12.10
C ASN A 24 -24.30 2.88 12.76
N ALA A 25 -24.43 2.92 14.09
CA ALA A 25 -24.15 4.14 14.86
C ALA A 25 -22.68 4.55 14.69
N ASN A 26 -21.80 3.56 14.70
CA ASN A 26 -20.36 3.81 14.55
C ASN A 26 -19.86 3.59 13.11
N ALA A 27 -20.80 3.43 12.17
CA ALA A 27 -20.45 3.21 10.77
C ALA A 27 -19.64 4.39 10.24
N ASN A 28 -20.04 5.61 10.61
CA ASN A 28 -19.36 6.81 10.17
C ASN A 28 -17.92 6.82 10.66
N SER A 29 -17.73 6.38 11.91
CA SER A 29 -16.39 6.33 12.52
C SER A 29 -15.70 4.97 12.30
N ALA A 30 -16.39 4.04 11.60
CA ALA A 30 -15.84 2.71 11.34
C ALA A 30 -14.95 2.70 10.08
N VAL A 31 -14.50 3.87 9.65
CA VAL A 31 -13.65 3.99 8.47
C VAL A 31 -12.38 4.78 8.78
N LYS A 32 -11.33 4.56 7.98
CA LYS A 32 -10.06 5.25 8.18
C LYS A 32 -9.52 5.73 6.83
N ASN A 33 -9.13 7.01 6.78
CA ASN A 33 -8.59 7.60 5.56
C ASN A 33 -7.10 7.28 5.42
N ASN A 34 -6.50 7.76 4.33
CA ASN A 34 -5.08 7.51 4.06
C ASN A 34 -4.23 8.63 4.66
N ASN A 35 -3.57 8.33 5.78
CA ASN A 35 -2.71 9.30 6.46
C ASN A 35 -1.42 9.51 5.68
N ASN A 36 -0.85 10.72 5.82
CA ASN A 36 0.40 11.06 5.14
C ASN A 36 1.53 10.14 5.60
N GLU A 37 1.54 9.83 6.90
CA GLU A 37 2.55 8.97 7.49
C GLU A 37 2.42 7.56 6.92
N GLU A 38 3.51 6.79 6.99
CA GLU A 38 3.51 5.43 6.47
C GLU A 38 2.59 4.52 7.30
N PRO A 39 2.08 3.42 6.75
CA PRO A 39 1.17 2.50 7.50
C PRO A 39 1.90 1.73 8.60
N SER A 40 1.14 1.25 9.57
CA SER A 40 1.69 0.50 10.70
C SER A 40 2.14 -0.89 10.29
N ASP A 41 3.03 -1.47 11.10
CA ASP A 41 3.56 -2.81 10.86
C ASP A 41 2.44 -3.83 10.86
N LYS A 42 1.45 -3.64 11.77
CA LYS A 42 0.32 -4.54 11.86
C LYS A 42 -0.45 -4.54 10.53
N HIS A 43 -0.64 -3.33 9.98
CA HIS A 43 -1.35 -3.12 8.73
C HIS A 43 -0.54 -3.67 7.54
N ILE A 44 0.76 -3.47 7.59
CA ILE A 44 1.64 -3.95 6.52
C ILE A 44 1.78 -5.48 6.59
N LYS A 45 2.02 -6.00 7.80
CA LYS A 45 2.20 -7.44 7.98
C LYS A 45 0.93 -8.24 7.67
N GLU A 46 -0.24 -7.66 7.98
CA GLU A 46 -1.51 -8.34 7.71
C GLU A 46 -1.68 -8.57 6.22
N TYR A 47 -1.11 -7.68 5.41
CA TYR A 47 -1.17 -7.80 3.96
C TYR A 47 -0.32 -8.96 3.48
N LEU A 48 0.80 -9.19 4.15
CA LEU A 48 1.70 -10.29 3.79
C LEU A 48 0.93 -11.60 3.80
N ASN A 49 0.07 -11.76 4.80
CA ASN A 49 -0.74 -12.96 4.94
C ASN A 49 -2.06 -12.83 4.17
N LYS A 50 -2.52 -11.60 3.97
CA LYS A 50 -3.76 -11.35 3.25
C LYS A 50 -3.65 -11.83 1.80
N ILE A 51 -2.53 -11.48 1.14
CA ILE A 51 -2.32 -11.87 -0.26
C ILE A 51 -1.52 -13.16 -0.39
N GLN A 52 -0.99 -13.68 0.74
CA GLN A 52 -0.16 -14.90 0.69
C GLN A 52 -0.83 -16.01 -0.15
N ASN A 53 -2.16 -16.04 -0.10
CA ASN A 53 -2.94 -17.03 -0.84
C ASN A 53 -2.78 -16.87 -2.36
N SER A 54 -2.71 -15.62 -2.81
CA SER A 54 -2.58 -15.32 -4.24
C SER A 54 -1.23 -14.66 -4.57
N LEU A 55 -0.25 -14.80 -3.68
CA LEU A 55 1.07 -14.22 -3.90
C LEU A 55 1.66 -14.67 -5.24
N SER A 56 2.29 -13.72 -5.92
CA SER A 56 2.92 -14.00 -7.22
C SER A 56 3.99 -12.95 -7.51
N THR A 57 4.80 -13.23 -8.55
CA THR A 57 5.88 -12.31 -8.93
C THR A 57 5.30 -11.13 -9.71
N GLU A 58 5.48 -9.91 -9.17
CA GLU A 58 5.00 -8.70 -9.81
C GLU A 58 5.51 -7.46 -9.09
N TRP A 59 5.73 -6.37 -9.84
CA TRP A 59 6.18 -5.11 -9.24
C TRP A 59 4.98 -4.27 -8.85
N SER A 60 4.77 -4.13 -7.55
CA SER A 60 3.64 -3.38 -7.02
C SER A 60 4.02 -1.91 -6.72
N PRO A 61 3.09 -0.95 -6.86
CA PRO A 61 3.39 0.50 -6.57
C PRO A 61 3.86 0.71 -5.14
N CYS A 62 4.53 1.84 -4.91
CA CYS A 62 5.04 2.16 -3.58
C CYS A 62 3.90 2.23 -2.57
N SER A 63 2.78 2.82 -3.00
CA SER A 63 1.58 2.95 -2.15
C SER A 63 1.86 3.79 -0.89
N VAL A 64 2.68 4.83 -1.03
CA VAL A 64 2.99 5.72 0.09
C VAL A 64 2.87 7.18 -0.34
N THR A 65 2.64 8.08 0.62
CA THR A 65 2.49 9.50 0.33
C THR A 65 3.64 10.34 0.89
N CYS A 66 4.28 9.85 1.96
CA CYS A 66 5.40 10.57 2.58
C CYS A 66 6.31 9.65 3.38
N GLY A 67 6.26 8.35 3.08
CA GLY A 67 7.08 7.37 3.78
C GLY A 67 7.66 6.37 2.79
N ASN A 68 8.73 5.69 3.19
CA ASN A 68 9.36 4.70 2.33
C ASN A 68 8.39 3.58 1.99
N GLY A 69 8.16 3.39 0.70
CA GLY A 69 7.24 2.36 0.22
C GLY A 69 7.94 1.02 0.15
N ILE A 70 7.20 -0.05 0.48
CA ILE A 70 7.76 -1.40 0.46
C ILE A 70 6.74 -2.40 -0.06
N GLN A 71 7.20 -3.29 -0.93
CA GLN A 71 6.36 -4.33 -1.50
C GLN A 71 7.04 -5.67 -1.28
N VAL A 72 6.25 -6.69 -0.93
CA VAL A 72 6.79 -8.02 -0.66
C VAL A 72 6.01 -9.08 -1.44
N ARG A 73 6.72 -9.78 -2.33
CA ARG A 73 6.12 -10.82 -3.15
C ARG A 73 7.13 -11.94 -3.43
N ILE A 74 6.64 -13.03 -4.04
CA ILE A 74 7.49 -14.18 -4.36
C ILE A 74 8.63 -13.77 -5.29
N LYS A 75 9.83 -14.27 -4.98
CA LYS A 75 11.02 -13.98 -5.78
C LYS A 75 10.86 -14.60 -7.19
N PRO A 76 11.18 -13.90 -8.28
CA PRO A 76 11.05 -14.46 -9.67
C PRO A 76 11.80 -15.78 -9.81
N GLY A 77 12.95 -15.87 -9.15
CA GLY A 77 13.78 -17.08 -9.20
C GLY A 77 13.03 -18.29 -8.65
N SER A 78 12.28 -18.08 -7.57
CA SER A 78 11.51 -19.15 -6.94
C SER A 78 10.07 -19.25 -7.49
N ALA A 79 9.77 -18.47 -8.53
CA ALA A 79 8.45 -18.47 -9.14
C ALA A 79 8.10 -19.86 -9.69
N ASN A 80 9.09 -20.51 -10.30
CA ASN A 80 8.88 -21.85 -10.87
C ASN A 80 8.55 -22.87 -9.77
N LYS A 81 9.14 -22.68 -8.59
CA LYS A 81 8.92 -23.59 -7.47
C LYS A 81 7.51 -23.38 -6.89
N PRO A 82 6.87 -24.40 -6.31
CA PRO A 82 5.50 -24.26 -5.71
C PRO A 82 5.48 -23.16 -4.65
N LYS A 83 4.39 -22.40 -4.62
CA LYS A 83 4.25 -21.29 -3.67
C LYS A 83 4.09 -21.77 -2.23
N ASP A 84 3.46 -22.92 -2.06
CA ASP A 84 3.20 -23.46 -0.72
C ASP A 84 4.49 -23.68 0.05
N GLU A 85 5.54 -24.12 -0.63
CA GLU A 85 6.84 -24.39 0.02
C GLU A 85 7.66 -23.11 0.25
N LEU A 86 7.21 -21.98 -0.33
CA LEU A 86 7.93 -20.72 -0.18
C LEU A 86 7.55 -20.07 1.14
N ASP A 87 8.53 -19.47 1.78
CA ASP A 87 8.32 -18.79 3.07
C ASP A 87 8.93 -17.39 3.05
N TYR A 88 8.49 -16.56 3.99
CA TYR A 88 8.94 -15.17 4.09
C TYR A 88 10.48 -15.10 4.17
N ALA A 89 11.07 -15.93 5.02
CA ALA A 89 12.52 -15.93 5.20
C ALA A 89 13.23 -16.89 4.25
N ASN A 90 12.47 -17.64 3.43
CA ASN A 90 13.06 -18.62 2.52
C ASN A 90 13.15 -18.11 1.08
N ASP A 91 12.02 -17.71 0.47
CA ASP A 91 12.05 -17.28 -0.94
C ASP A 91 11.28 -15.99 -1.24
N ILE A 92 10.60 -15.41 -0.25
CA ILE A 92 9.85 -14.17 -0.49
C ILE A 92 10.83 -13.01 -0.68
N GLU A 93 10.61 -12.27 -1.75
CA GLU A 93 11.46 -11.12 -2.09
C GLU A 93 10.68 -9.82 -1.88
N LYS A 94 11.35 -8.83 -1.32
CA LYS A 94 10.74 -7.52 -1.07
C LYS A 94 11.66 -6.41 -1.53
N LYS A 95 11.09 -5.23 -1.77
CA LYS A 95 11.89 -4.09 -2.24
C LYS A 95 11.38 -2.77 -1.63
N ILE A 96 12.26 -1.77 -1.65
CA ILE A 96 11.96 -0.45 -1.10
C ILE A 96 11.94 0.60 -2.22
N CYS A 97 11.05 1.59 -2.04
CA CYS A 97 10.92 2.69 -2.99
C CYS A 97 10.29 3.89 -2.28
N LYS A 98 10.99 5.03 -2.31
CA LYS A 98 10.52 6.23 -1.65
C LYS A 98 9.62 7.07 -2.56
N MET A 99 8.59 7.67 -1.96
CA MET A 99 7.65 8.52 -2.70
C MET A 99 8.35 9.77 -3.23
N GLU A 100 7.82 10.28 -4.35
CA GLU A 100 8.39 11.48 -4.98
C GLU A 100 7.45 12.68 -4.88
N LYS A 101 6.24 12.49 -4.31
CA LYS A 101 5.27 13.58 -4.21
C LYS A 101 4.93 13.97 -2.75
N CYS A 102 5.85 13.67 -1.82
CA CYS A 102 5.63 14.00 -0.41
C CYS A 102 5.46 15.51 -0.24
N SER A 103 6.35 16.27 -0.89
CA SER A 103 6.29 17.73 -0.81
C SER A 103 4.98 18.26 -1.35
N SER A 104 4.49 17.61 -2.43
CA SER A 104 3.25 18.02 -3.10
C SER A 104 2.21 18.55 -2.13
N VAL A 105 2.21 19.87 -2.00
CA VAL A 105 1.28 20.57 -1.10
C VAL A 105 -0.16 20.24 -1.52
N PHE A 106 -0.41 20.20 -2.83
CA PHE A 106 -1.75 19.90 -3.35
C PHE A 106 -2.25 18.58 -2.79
N ASN A 107 -3.58 18.43 -2.70
CA ASN A 107 -4.18 17.20 -2.17
C ASN A 107 -4.61 16.23 -3.27
N VAL A 108 -4.01 16.39 -4.43
CA VAL A 108 -4.29 15.52 -5.57
C VAL A 108 -3.62 14.18 -5.34
N VAL A 109 -4.34 13.29 -4.65
CA VAL A 109 -3.82 11.96 -4.33
C VAL A 109 -3.35 11.24 -5.59
N ASN A 110 -2.26 10.48 -5.45
CA ASN A 110 -1.69 9.73 -6.58
C ASN A 110 -1.93 8.22 -6.43
N SER A 111 -2.90 7.85 -5.59
CA SER A 111 -3.21 6.43 -5.38
C SER A 111 -3.64 5.78 -6.69
N SER A 112 -4.46 6.50 -7.46
CA SER A 112 -4.93 5.99 -8.75
C SER A 112 -4.02 6.44 -9.91
N GLU A 113 -3.08 7.34 -9.61
CA GLU A 113 -2.14 7.84 -10.62
C GLU A 113 -0.77 7.13 -10.54
N ASN A 114 -0.62 6.21 -9.58
CA ASN A 114 0.65 5.48 -9.41
C ASN A 114 1.00 4.69 -10.66
N LEU A 115 -0.02 4.09 -11.28
CA LEU A 115 0.16 3.30 -12.49
C LEU A 115 1.07 4.00 -13.50
N TYR A 116 0.95 5.33 -13.59
CA TYR A 116 1.76 6.12 -14.52
C TYR A 116 3.23 6.10 -14.09
N PHE A 117 3.45 6.17 -12.78
CA PHE A 117 4.81 6.17 -12.22
C PHE A 117 5.51 4.84 -12.49
N GLN A 118 4.75 3.75 -12.37
CA GLN A 118 5.27 2.42 -12.60
C GLN A 118 5.73 2.28 -14.05
N SER A 119 4.94 2.84 -14.97
CA SER A 119 5.26 2.79 -16.40
C SER A 119 6.60 3.47 -16.68
N GLY A 120 6.81 4.61 -16.01
CA GLY A 120 8.05 5.38 -16.20
C GLY A 120 8.09 6.04 -17.58
N GLY A 121 6.91 6.33 -18.14
CA GLY A 121 6.80 6.95 -19.44
C GLY A 121 5.33 7.14 -19.83
N HIS A 122 5.10 7.44 -21.12
CA HIS A 122 3.74 7.65 -21.61
C HIS A 122 3.61 7.15 -23.06
N HIS A 123 2.38 6.85 -23.46
CA HIS A 123 2.11 6.37 -24.82
C HIS A 123 3.02 5.19 -25.16
N HIS A 124 3.22 4.30 -24.17
CA HIS A 124 4.06 3.13 -24.34
C HIS A 124 3.61 2.02 -23.40
N HIS A 125 3.68 0.77 -23.87
CA HIS A 125 3.28 -0.39 -23.08
C HIS A 125 4.25 -0.63 -21.93
N HIS A 126 3.73 -1.12 -20.81
CA HIS A 126 4.56 -1.40 -19.63
C HIS A 126 3.91 -2.49 -18.75
N HIS A 127 4.71 -3.05 -17.85
CA HIS A 127 4.22 -4.09 -16.94
C HIS A 127 3.68 -3.46 -15.66
N MET A 1 -22.34 42.37 -16.44
CA MET A 1 -23.60 43.09 -16.84
C MET A 1 -24.62 42.08 -17.33
N LYS A 2 -25.90 42.37 -17.09
CA LYS A 2 -26.99 41.49 -17.51
C LYS A 2 -27.00 41.34 -19.03
N ASN A 3 -26.76 42.45 -19.74
CA ASN A 3 -26.75 42.44 -21.20
C ASN A 3 -25.53 41.70 -21.75
N ASN A 4 -24.51 41.50 -20.91
CA ASN A 4 -23.29 40.80 -21.32
C ASN A 4 -23.40 39.32 -21.01
N GLN A 5 -23.58 38.50 -22.05
CA GLN A 5 -23.71 37.05 -21.88
C GLN A 5 -22.42 36.44 -21.31
N GLY A 6 -21.29 37.10 -21.55
CA GLY A 6 -20.00 36.61 -21.05
C GLY A 6 -19.71 35.21 -21.58
N ASN A 7 -19.31 34.31 -20.66
CA ASN A 7 -19.00 32.94 -21.02
C ASN A 7 -20.24 32.24 -21.59
N GLY A 8 -21.40 32.52 -20.98
CA GLY A 8 -22.66 31.92 -21.43
C GLY A 8 -22.76 30.43 -21.07
N GLN A 9 -22.07 30.03 -20.00
CA GLN A 9 -22.10 28.63 -19.56
C GLN A 9 -23.51 28.22 -19.16
N GLY A 10 -24.21 29.13 -18.48
CA GLY A 10 -25.57 28.87 -18.02
C GLY A 10 -25.63 27.64 -17.12
N HIS A 11 -26.57 26.74 -17.42
CA HIS A 11 -26.73 25.51 -16.64
C HIS A 11 -25.51 24.62 -16.80
N ASN A 12 -25.08 24.00 -15.68
CA ASN A 12 -23.92 23.12 -15.68
C ASN A 12 -24.36 21.67 -15.71
N MET A 13 -23.64 20.84 -16.47
CA MET A 13 -23.95 19.42 -16.59
C MET A 13 -23.82 18.73 -15.22
N PRO A 14 -24.83 17.99 -14.73
CA PRO A 14 -24.75 17.29 -13.41
C PRO A 14 -23.79 16.10 -13.43
N ASN A 15 -23.26 15.75 -12.27
CA ASN A 15 -22.34 14.63 -12.14
C ASN A 15 -23.09 13.31 -12.30
N ASP A 16 -22.44 12.31 -12.88
CA ASP A 16 -23.07 11.01 -13.07
C ASP A 16 -22.50 9.99 -12.07
N PRO A 17 -23.05 9.91 -10.86
CA PRO A 17 -22.56 8.93 -9.82
C PRO A 17 -22.91 7.47 -10.16
N ASN A 18 -23.91 7.30 -11.03
CA ASN A 18 -24.35 5.97 -11.44
C ASN A 18 -23.22 5.21 -12.13
N ARG A 19 -22.46 5.91 -12.99
CA ARG A 19 -21.36 5.29 -13.70
C ARG A 19 -20.03 5.55 -12.99
N ASN A 20 -19.35 4.46 -12.63
CA ASN A 20 -18.06 4.55 -11.94
C ASN A 20 -17.30 3.23 -12.07
N VAL A 21 -15.99 3.33 -12.32
CA VAL A 21 -15.16 2.13 -12.46
C VAL A 21 -14.08 2.11 -11.38
N ASP A 22 -14.28 1.24 -10.39
CA ASP A 22 -13.33 1.09 -9.29
C ASP A 22 -12.56 -0.23 -9.38
N GLU A 23 -12.62 -0.87 -10.54
CA GLU A 23 -11.93 -2.14 -10.76
C GLU A 23 -10.41 -1.95 -10.67
N ASN A 24 -9.93 -0.85 -11.23
CA ASN A 24 -8.51 -0.53 -11.21
C ASN A 24 -8.03 -0.40 -9.76
N ALA A 25 -8.83 0.30 -8.96
CA ALA A 25 -8.50 0.49 -7.54
C ALA A 25 -8.44 -0.84 -6.81
N ASN A 26 -9.39 -1.72 -7.12
CA ASN A 26 -9.44 -3.05 -6.49
C ASN A 26 -8.19 -3.86 -6.82
N ALA A 27 -7.74 -3.76 -8.07
CA ALA A 27 -6.54 -4.47 -8.52
C ALA A 27 -5.32 -4.02 -7.72
N ASN A 28 -5.24 -2.72 -7.47
CA ASN A 28 -4.12 -2.13 -6.73
C ASN A 28 -4.47 -1.89 -5.26
N SER A 29 -5.62 -2.43 -4.80
CA SER A 29 -6.06 -2.24 -3.42
C SER A 29 -5.04 -2.79 -2.45
N ALA A 30 -4.48 -3.95 -2.77
CA ALA A 30 -3.47 -4.58 -1.91
C ALA A 30 -2.09 -3.95 -2.05
N VAL A 31 -1.99 -2.94 -2.91
CA VAL A 31 -0.73 -2.23 -3.15
C VAL A 31 -0.94 -0.72 -3.28
N LYS A 32 -2.04 -0.23 -2.74
CA LYS A 32 -2.37 1.19 -2.79
C LYS A 32 -3.24 1.57 -1.59
N ASN A 33 -2.90 2.69 -0.97
CA ASN A 33 -3.64 3.17 0.20
C ASN A 33 -4.59 4.30 -0.21
N ASN A 34 -5.90 4.06 -0.02
CA ASN A 34 -6.91 5.05 -0.37
C ASN A 34 -6.72 6.32 0.45
N ASN A 35 -6.42 6.14 1.74
CA ASN A 35 -6.20 7.27 2.65
C ASN A 35 -4.80 7.84 2.45
N ASN A 36 -4.67 9.17 2.59
CA ASN A 36 -3.39 9.83 2.43
C ASN A 36 -2.38 9.30 3.47
N GLU A 37 -2.86 9.10 4.70
CA GLU A 37 -2.00 8.60 5.77
C GLU A 37 -1.63 7.15 5.48
N GLU A 38 -0.37 6.80 5.76
CA GLU A 38 0.12 5.44 5.50
C GLU A 38 -0.43 4.47 6.55
N PRO A 39 -0.67 3.19 6.20
CA PRO A 39 -1.20 2.18 7.16
C PRO A 39 -0.17 1.77 8.21
N SER A 40 -0.66 1.33 9.36
CA SER A 40 0.20 0.90 10.47
C SER A 40 0.83 -0.46 10.17
N ASP A 41 1.91 -0.76 10.91
CA ASP A 41 2.61 -2.03 10.75
C ASP A 41 1.68 -3.20 11.07
N LYS A 42 0.81 -3.01 12.06
CA LYS A 42 -0.13 -4.06 12.44
C LYS A 42 -1.03 -4.37 11.25
N HIS A 43 -1.44 -3.32 10.53
CA HIS A 43 -2.28 -3.46 9.35
C HIS A 43 -1.49 -4.08 8.19
N ILE A 44 -0.29 -3.54 7.95
CA ILE A 44 0.56 -3.99 6.85
C ILE A 44 1.02 -5.44 7.05
N LYS A 45 1.49 -5.78 8.26
CA LYS A 45 1.97 -7.15 8.52
C LYS A 45 0.86 -8.19 8.29
N GLU A 46 -0.40 -7.77 8.50
CA GLU A 46 -1.55 -8.64 8.29
C GLU A 46 -1.67 -9.03 6.81
N TYR A 47 -1.39 -8.07 5.93
CA TYR A 47 -1.45 -8.32 4.48
C TYR A 47 -0.46 -9.39 4.08
N LEU A 48 0.74 -9.35 4.67
CA LEU A 48 1.78 -10.35 4.36
C LEU A 48 1.20 -11.76 4.32
N ASN A 49 0.22 -12.00 5.20
CA ASN A 49 -0.45 -13.31 5.27
C ASN A 49 -1.66 -13.36 4.34
N LYS A 50 -2.39 -12.24 4.25
CA LYS A 50 -3.60 -12.16 3.42
C LYS A 50 -3.25 -12.40 1.94
N ILE A 51 -2.22 -11.73 1.45
CA ILE A 51 -1.81 -11.89 0.05
C ILE A 51 -0.86 -13.07 -0.14
N GLN A 52 -0.48 -13.74 0.95
CA GLN A 52 0.41 -14.86 0.88
C GLN A 52 -0.15 -15.93 -0.07
N ASN A 53 -1.44 -16.19 0.08
CA ASN A 53 -2.12 -17.17 -0.75
C ASN A 53 -2.10 -16.78 -2.23
N SER A 54 -2.18 -15.48 -2.50
CA SER A 54 -2.20 -14.97 -3.88
C SER A 54 -0.86 -14.33 -4.27
N LEU A 55 0.19 -14.55 -3.48
CA LEU A 55 1.49 -13.97 -3.76
C LEU A 55 2.02 -14.43 -5.11
N SER A 56 2.63 -13.50 -5.83
CA SER A 56 3.19 -13.78 -7.15
C SER A 56 4.25 -12.76 -7.51
N THR A 57 5.01 -13.07 -8.55
CA THR A 57 6.07 -12.17 -9.02
C THR A 57 5.47 -11.00 -9.79
N GLU A 58 5.64 -9.79 -9.25
CA GLU A 58 5.12 -8.58 -9.90
C GLU A 58 5.58 -7.32 -9.17
N TRP A 59 5.88 -6.26 -9.94
CA TRP A 59 6.32 -5.00 -9.36
C TRP A 59 5.10 -4.12 -9.11
N SER A 60 4.77 -3.93 -7.83
CA SER A 60 3.61 -3.13 -7.45
C SER A 60 4.01 -1.68 -7.13
N PRO A 61 3.08 -0.72 -7.21
CA PRO A 61 3.37 0.72 -6.91
C PRO A 61 3.90 0.91 -5.49
N CYS A 62 4.71 1.96 -5.30
CA CYS A 62 5.30 2.25 -3.99
C CYS A 62 4.20 2.29 -2.90
N SER A 63 3.02 2.81 -3.28
CA SER A 63 1.87 2.87 -2.37
C SER A 63 2.11 3.79 -1.16
N VAL A 64 3.00 4.77 -1.30
CA VAL A 64 3.27 5.71 -0.19
C VAL A 64 3.20 7.16 -0.65
N THR A 65 2.86 8.04 0.30
CA THR A 65 2.74 9.47 0.02
C THR A 65 4.01 10.23 0.41
N CYS A 66 4.75 9.71 1.41
CA CYS A 66 5.97 10.36 1.86
C CYS A 66 6.88 9.37 2.59
N GLY A 67 6.28 8.42 3.30
CA GLY A 67 7.04 7.41 4.04
C GLY A 67 7.57 6.35 3.09
N ASN A 68 8.30 5.40 3.65
CA ASN A 68 8.87 4.31 2.87
C ASN A 68 7.82 3.28 2.51
N GLY A 69 7.82 2.88 1.24
CA GLY A 69 6.87 1.88 0.75
C GLY A 69 7.59 0.56 0.48
N ILE A 70 6.99 -0.55 0.92
CA ILE A 70 7.60 -1.85 0.71
C ILE A 70 6.57 -2.85 0.15
N GLN A 71 7.01 -3.59 -0.87
CA GLN A 71 6.16 -4.59 -1.50
C GLN A 71 6.91 -5.92 -1.57
N VAL A 72 6.17 -7.02 -1.40
CA VAL A 72 6.78 -8.35 -1.43
C VAL A 72 6.25 -9.15 -2.62
N ARG A 73 7.10 -10.07 -3.11
CA ARG A 73 6.74 -10.91 -4.25
C ARG A 73 7.65 -12.12 -4.34
N ILE A 74 7.24 -13.10 -5.15
CA ILE A 74 8.02 -14.32 -5.35
C ILE A 74 9.12 -14.05 -6.38
N LYS A 75 10.31 -14.61 -6.15
CA LYS A 75 11.42 -14.44 -7.07
C LYS A 75 11.10 -15.14 -8.40
N PRO A 76 11.58 -14.66 -9.54
CA PRO A 76 11.29 -15.32 -10.86
C PRO A 76 11.81 -16.75 -10.90
N GLY A 77 12.95 -16.98 -10.24
CA GLY A 77 13.55 -18.31 -10.18
C GLY A 77 12.65 -19.27 -9.39
N SER A 78 12.07 -18.76 -8.31
CA SER A 78 11.19 -19.57 -7.46
C SER A 78 9.71 -19.42 -7.84
N ALA A 79 9.41 -18.63 -8.89
CA ALA A 79 8.03 -18.43 -9.32
C ALA A 79 7.41 -19.76 -9.72
N ASN A 80 8.18 -20.58 -10.43
CA ASN A 80 7.72 -21.89 -10.88
C ASN A 80 7.59 -22.87 -9.72
N LYS A 81 8.42 -22.69 -8.69
CA LYS A 81 8.42 -23.57 -7.51
C LYS A 81 7.11 -23.41 -6.71
N PRO A 82 6.65 -24.44 -6.01
CA PRO A 82 5.38 -24.37 -5.21
C PRO A 82 5.41 -23.25 -4.18
N LYS A 83 4.26 -22.59 -4.01
CA LYS A 83 4.14 -21.47 -3.06
C LYS A 83 4.16 -21.94 -1.60
N ASP A 84 3.73 -23.18 -1.36
CA ASP A 84 3.67 -23.73 -0.01
C ASP A 84 5.05 -23.77 0.63
N GLU A 85 6.07 -24.11 -0.16
CA GLU A 85 7.44 -24.20 0.35
C GLU A 85 8.14 -22.83 0.43
N LEU A 86 7.52 -21.80 -0.17
CA LEU A 86 8.10 -20.46 -0.16
C LEU A 86 7.57 -19.68 1.03
N ASP A 87 8.48 -19.00 1.74
CA ASP A 87 8.12 -18.21 2.91
C ASP A 87 8.74 -16.81 2.84
N TYR A 88 8.18 -15.89 3.63
CA TYR A 88 8.65 -14.50 3.66
C TYR A 88 10.17 -14.43 3.88
N ALA A 89 10.64 -15.19 4.85
CA ALA A 89 12.06 -15.20 5.20
C ALA A 89 12.87 -16.25 4.42
N ASN A 90 12.18 -17.06 3.59
CA ASN A 90 12.85 -18.12 2.84
C ASN A 90 13.13 -17.74 1.38
N ASP A 91 12.09 -17.38 0.61
CA ASP A 91 12.29 -17.06 -0.82
C ASP A 91 11.54 -15.82 -1.32
N ILE A 92 10.90 -15.07 -0.41
CA ILE A 92 10.15 -13.88 -0.82
C ILE A 92 11.09 -12.68 -0.98
N GLU A 93 10.98 -12.04 -2.15
CA GLU A 93 11.78 -10.87 -2.47
C GLU A 93 10.91 -9.62 -2.39
N LYS A 94 11.46 -8.55 -1.81
CA LYS A 94 10.73 -7.29 -1.65
C LYS A 94 11.65 -6.11 -1.90
N LYS A 95 11.07 -4.94 -2.15
CA LYS A 95 11.86 -3.73 -2.41
C LYS A 95 11.24 -2.50 -1.75
N ILE A 96 12.09 -1.50 -1.47
CA ILE A 96 11.66 -0.27 -0.83
C ILE A 96 11.49 0.85 -1.87
N CYS A 97 10.52 1.73 -1.60
CA CYS A 97 10.24 2.86 -2.46
C CYS A 97 9.58 3.97 -1.66
N LYS A 98 10.28 5.10 -1.57
CA LYS A 98 9.75 6.25 -0.83
C LYS A 98 9.29 7.31 -1.81
N MET A 99 8.20 7.98 -1.50
CA MET A 99 7.66 9.02 -2.38
C MET A 99 8.73 10.07 -2.67
N GLU A 100 9.34 9.94 -3.84
CA GLU A 100 10.40 10.86 -4.26
C GLU A 100 9.87 12.28 -4.42
N LYS A 101 8.65 12.39 -4.93
CA LYS A 101 8.02 13.69 -5.16
C LYS A 101 7.30 14.22 -3.91
N CYS A 102 7.80 13.84 -2.74
CA CYS A 102 7.22 14.29 -1.47
C CYS A 102 8.28 14.99 -0.62
N SER A 103 9.13 15.78 -1.28
CA SER A 103 10.19 16.53 -0.60
C SER A 103 9.81 18.00 -0.43
N SER A 104 8.50 18.25 -0.25
CA SER A 104 7.97 19.61 -0.09
C SER A 104 8.06 20.37 -1.41
N VAL A 105 7.69 19.67 -2.49
CA VAL A 105 7.71 20.25 -3.83
C VAL A 105 6.32 20.83 -4.18
N PHE A 106 5.62 21.30 -3.16
CA PHE A 106 4.27 21.87 -3.32
C PHE A 106 3.28 20.82 -3.81
N ASN A 107 3.54 19.56 -3.46
CA ASN A 107 2.68 18.46 -3.85
C ASN A 107 1.27 18.69 -3.32
N VAL A 108 0.28 18.42 -4.17
CA VAL A 108 -1.12 18.62 -3.78
C VAL A 108 -1.68 17.32 -3.21
N VAL A 109 -1.62 17.23 -1.88
CA VAL A 109 -2.09 16.06 -1.16
C VAL A 109 -3.05 16.49 -0.04
N ASN A 110 -3.82 15.52 0.48
CA ASN A 110 -4.78 15.79 1.54
C ASN A 110 -4.08 16.32 2.79
N SER A 111 -2.90 15.76 3.09
CA SER A 111 -2.14 16.18 4.27
C SER A 111 -1.73 17.65 4.18
N SER A 112 -1.62 18.18 2.95
CA SER A 112 -1.25 19.58 2.75
C SER A 112 -2.46 20.52 2.76
N GLU A 113 -3.66 19.94 2.90
CA GLU A 113 -4.90 20.73 2.94
C GLU A 113 -5.27 21.18 4.35
N ASN A 114 -4.45 20.80 5.34
CA ASN A 114 -4.70 21.17 6.74
C ASN A 114 -4.71 22.68 6.92
N LEU A 115 -3.80 23.36 6.21
CA LEU A 115 -3.69 24.82 6.28
C LEU A 115 -5.05 25.50 6.10
N TYR A 116 -5.88 24.94 5.21
CA TYR A 116 -7.20 25.50 4.94
C TYR A 116 -8.08 25.45 6.19
N PHE A 117 -7.95 24.36 6.94
CA PHE A 117 -8.74 24.15 8.15
C PHE A 117 -8.40 25.19 9.22
N GLN A 118 -7.11 25.52 9.32
CA GLN A 118 -6.66 26.52 10.28
C GLN A 118 -6.84 27.93 9.75
N SER A 119 -7.36 28.82 10.59
CA SER A 119 -7.59 30.20 10.20
C SER A 119 -6.28 30.91 9.85
N GLY A 120 -5.25 30.64 10.64
CA GLY A 120 -3.94 31.24 10.42
C GLY A 120 -3.92 32.70 10.88
N GLY A 121 -2.85 33.41 10.53
CA GLY A 121 -2.72 34.82 10.91
C GLY A 121 -2.37 34.96 12.38
N HIS A 122 -2.55 36.18 12.91
CA HIS A 122 -2.27 36.46 14.31
C HIS A 122 -3.10 37.63 14.80
N HIS A 123 -3.60 37.52 16.04
CA HIS A 123 -4.42 38.57 16.64
C HIS A 123 -3.61 39.85 16.82
N HIS A 124 -4.24 41.00 16.52
CA HIS A 124 -3.59 42.29 16.65
C HIS A 124 -4.62 43.38 16.92
N HIS A 125 -4.28 44.32 17.82
CA HIS A 125 -5.17 45.41 18.17
C HIS A 125 -4.62 46.73 17.63
N HIS A 126 -5.41 47.37 16.75
CA HIS A 126 -5.00 48.64 16.15
C HIS A 126 -4.93 49.74 17.21
N HIS A 127 -3.90 50.58 17.12
CA HIS A 127 -3.71 51.66 18.08
C HIS A 127 -4.32 52.95 17.55
N MET A 1 -5.26 6.11 -37.83
CA MET A 1 -6.16 5.06 -38.41
C MET A 1 -7.60 5.34 -37.98
N LYS A 2 -8.53 4.55 -38.53
CA LYS A 2 -9.95 4.71 -38.20
C LYS A 2 -10.21 4.49 -36.71
N ASN A 3 -9.35 3.70 -36.05
CA ASN A 3 -9.50 3.42 -34.63
C ASN A 3 -9.39 4.71 -33.81
N ASN A 4 -8.47 5.59 -34.22
CA ASN A 4 -8.27 6.86 -33.52
C ASN A 4 -9.16 7.95 -34.10
N GLN A 5 -10.21 8.31 -33.36
CA GLN A 5 -11.14 9.34 -33.81
C GLN A 5 -10.43 10.68 -33.95
N GLY A 6 -9.54 10.98 -33.01
CA GLY A 6 -8.79 12.24 -33.03
C GLY A 6 -9.68 13.45 -32.73
N ASN A 7 -10.77 13.21 -31.98
CA ASN A 7 -11.70 14.29 -31.64
C ASN A 7 -10.99 15.37 -30.84
N GLY A 8 -10.15 14.95 -29.88
CA GLY A 8 -9.40 15.89 -29.05
C GLY A 8 -8.60 15.16 -27.97
N GLN A 9 -7.78 15.92 -27.25
CA GLN A 9 -6.96 15.36 -26.17
C GLN A 9 -7.83 14.81 -25.04
N GLY A 10 -8.91 15.54 -24.74
CA GLY A 10 -9.83 15.14 -23.67
C GLY A 10 -10.45 13.79 -23.96
N HIS A 11 -10.80 13.55 -25.22
CA HIS A 11 -11.42 12.29 -25.64
C HIS A 11 -10.41 11.15 -25.53
N ASN A 12 -10.91 9.97 -25.16
CA ASN A 12 -10.05 8.78 -25.01
C ASN A 12 -10.19 7.87 -26.22
N MET A 13 -9.08 7.26 -26.63
CA MET A 13 -9.06 6.37 -27.79
C MET A 13 -9.81 5.06 -27.47
N PRO A 14 -10.44 4.41 -28.45
CA PRO A 14 -11.18 3.13 -28.20
C PRO A 14 -10.24 1.96 -27.95
N ASN A 15 -10.75 0.93 -27.26
CA ASN A 15 -9.96 -0.26 -26.95
C ASN A 15 -10.11 -1.29 -28.06
N ASP A 16 -9.19 -2.24 -28.12
CA ASP A 16 -9.22 -3.29 -29.14
C ASP A 16 -9.38 -4.67 -28.46
N PRO A 17 -10.62 -5.13 -28.23
CA PRO A 17 -10.86 -6.47 -27.59
C PRO A 17 -10.37 -7.62 -28.45
N ASN A 18 -10.34 -7.41 -29.77
CA ASN A 18 -9.89 -8.43 -30.71
C ASN A 18 -8.44 -8.80 -30.44
N ARG A 19 -7.62 -7.79 -30.14
CA ARG A 19 -6.19 -8.01 -29.87
C ARG A 19 -5.96 -8.04 -28.36
N ASN A 20 -5.12 -8.98 -27.93
CA ASN A 20 -4.79 -9.12 -26.51
C ASN A 20 -4.08 -7.89 -25.99
N VAL A 21 -4.55 -7.36 -24.87
CA VAL A 21 -3.97 -6.18 -24.25
C VAL A 21 -4.08 -6.27 -22.73
N ASP A 22 -2.93 -6.18 -22.06
CA ASP A 22 -2.89 -6.26 -20.59
C ASP A 22 -2.72 -4.89 -19.95
N GLU A 23 -3.03 -3.84 -20.71
CA GLU A 23 -2.93 -2.46 -20.21
C GLU A 23 -3.89 -2.24 -19.04
N ASN A 24 -5.09 -2.81 -19.16
CA ASN A 24 -6.11 -2.66 -18.11
C ASN A 24 -5.61 -3.28 -16.81
N ALA A 25 -4.98 -4.45 -16.92
CA ALA A 25 -4.45 -5.15 -15.76
C ALA A 25 -3.39 -4.31 -15.05
N ASN A 26 -2.55 -3.65 -15.86
CA ASN A 26 -1.49 -2.80 -15.32
C ASN A 26 -2.07 -1.64 -14.51
N ALA A 27 -3.17 -1.09 -15.00
CA ALA A 27 -3.84 0.03 -14.32
C ALA A 27 -4.30 -0.38 -12.93
N ASN A 28 -4.82 -1.60 -12.81
CA ASN A 28 -5.31 -2.11 -11.54
C ASN A 28 -4.17 -2.17 -10.52
N SER A 29 -3.00 -2.62 -10.98
CA SER A 29 -1.82 -2.72 -10.11
C SER A 29 -1.03 -1.41 -10.06
N ALA A 30 -1.36 -0.47 -10.95
CA ALA A 30 -0.67 0.82 -11.00
C ALA A 30 -1.37 1.88 -10.13
N VAL A 31 -2.22 1.43 -9.20
CA VAL A 31 -2.95 2.33 -8.32
C VAL A 31 -2.06 2.77 -7.16
N LYS A 32 -2.42 3.91 -6.56
CA LYS A 32 -1.66 4.44 -5.42
C LYS A 32 -2.57 4.66 -4.22
N ASN A 33 -2.05 4.33 -3.04
CA ASN A 33 -2.82 4.49 -1.79
C ASN A 33 -2.14 5.50 -0.88
N ASN A 34 -2.96 6.36 -0.25
CA ASN A 34 -2.44 7.38 0.66
C ASN A 34 -2.63 6.95 2.11
N ASN A 35 -1.52 6.72 2.81
CA ASN A 35 -1.56 6.31 4.21
C ASN A 35 -1.07 7.43 5.12
N ASN A 36 -1.78 7.64 6.23
CA ASN A 36 -1.42 8.67 7.19
C ASN A 36 -0.05 8.38 7.80
N GLU A 37 0.21 7.10 8.06
CA GLU A 37 1.48 6.67 8.64
C GLU A 37 1.93 5.33 8.04
N GLU A 38 3.18 4.95 8.32
CA GLU A 38 3.72 3.70 7.81
C GLU A 38 2.95 2.51 8.40
N PRO A 39 2.82 1.38 7.68
CA PRO A 39 2.08 0.19 8.20
C PRO A 39 2.82 -0.50 9.35
N SER A 40 2.05 -1.12 10.24
CA SER A 40 2.62 -1.81 11.39
C SER A 40 2.91 -3.27 11.07
N ASP A 41 3.64 -3.91 11.96
CA ASP A 41 4.01 -5.32 11.81
C ASP A 41 2.77 -6.18 11.78
N LYS A 42 1.77 -5.86 12.61
CA LYS A 42 0.54 -6.63 12.68
C LYS A 42 -0.16 -6.57 11.32
N HIS A 43 -0.21 -5.37 10.75
CA HIS A 43 -0.83 -5.13 9.44
C HIS A 43 0.01 -5.75 8.31
N ILE A 44 1.32 -5.66 8.44
CA ILE A 44 2.21 -6.21 7.42
C ILE A 44 2.21 -7.74 7.47
N LYS A 45 2.26 -8.31 8.69
CA LYS A 45 2.29 -9.77 8.83
C LYS A 45 0.98 -10.41 8.35
N GLU A 46 -0.15 -9.72 8.58
CA GLU A 46 -1.45 -10.25 8.16
C GLU A 46 -1.55 -10.30 6.64
N TYR A 47 -0.89 -9.36 5.97
CA TYR A 47 -0.88 -9.33 4.50
C TYR A 47 -0.09 -10.50 3.97
N LEU A 48 1.00 -10.87 4.65
CA LEU A 48 1.81 -12.00 4.22
C LEU A 48 0.98 -13.27 4.17
N ASN A 49 0.06 -13.42 5.13
CA ASN A 49 -0.82 -14.60 5.18
C ASN A 49 -2.09 -14.38 4.33
N LYS A 50 -2.31 -13.13 3.88
CA LYS A 50 -3.49 -12.79 3.09
C LYS A 50 -3.22 -12.94 1.59
N ILE A 51 -2.14 -12.32 1.08
CA ILE A 51 -1.84 -12.38 -0.35
C ILE A 51 -1.07 -13.65 -0.73
N GLN A 52 -0.49 -14.34 0.26
CA GLN A 52 0.27 -15.58 -0.04
C GLN A 52 -0.54 -16.54 -0.90
N ASN A 53 -1.86 -16.44 -0.79
CA ASN A 53 -2.76 -17.30 -1.57
C ASN A 53 -2.53 -17.06 -3.06
N SER A 54 -2.32 -15.79 -3.44
CA SER A 54 -2.11 -15.42 -4.84
C SER A 54 -0.76 -14.71 -5.06
N LEU A 55 0.19 -14.86 -4.12
CA LEU A 55 1.49 -14.21 -4.24
C LEU A 55 2.15 -14.58 -5.57
N SER A 56 2.65 -13.56 -6.25
CA SER A 56 3.32 -13.75 -7.54
C SER A 56 4.42 -12.69 -7.72
N THR A 57 5.20 -12.82 -8.79
CA THR A 57 6.28 -11.86 -9.06
C THR A 57 5.73 -10.62 -9.77
N GLU A 58 5.91 -9.44 -9.15
CA GLU A 58 5.43 -8.19 -9.74
C GLU A 58 5.95 -6.99 -8.97
N TRP A 59 6.38 -5.95 -9.72
CA TRP A 59 6.88 -4.73 -9.11
C TRP A 59 5.80 -3.65 -9.16
N SER A 60 5.38 -3.18 -7.99
CA SER A 60 4.33 -2.16 -7.90
C SER A 60 4.91 -0.76 -7.63
N PRO A 61 4.17 0.32 -7.92
CA PRO A 61 4.65 1.72 -7.66
C PRO A 61 4.88 1.95 -6.17
N CYS A 62 5.47 3.10 -5.83
CA CYS A 62 5.75 3.41 -4.43
C CYS A 62 4.44 3.42 -3.63
N SER A 63 3.39 3.97 -4.22
CA SER A 63 2.07 4.02 -3.60
C SER A 63 2.08 4.74 -2.24
N VAL A 64 2.98 5.72 -2.10
CA VAL A 64 3.05 6.51 -0.85
C VAL A 64 2.97 7.99 -1.16
N THR A 65 2.45 8.76 -0.21
CA THR A 65 2.31 10.19 -0.37
C THR A 65 3.66 10.89 -0.15
N CYS A 66 4.38 10.48 0.89
CA CYS A 66 5.67 11.07 1.21
C CYS A 66 6.56 10.07 1.97
N GLY A 67 5.93 9.22 2.77
CA GLY A 67 6.65 8.23 3.56
C GLY A 67 7.22 7.16 2.63
N ASN A 68 8.04 6.29 3.22
CA ASN A 68 8.67 5.22 2.46
C ASN A 68 7.64 4.17 2.04
N GLY A 69 7.78 3.72 0.81
CA GLY A 69 6.91 2.69 0.24
C GLY A 69 7.65 1.36 0.20
N ILE A 70 6.92 0.25 0.11
CA ILE A 70 7.56 -1.06 0.05
C ILE A 70 6.68 -2.08 -0.67
N GLN A 71 7.33 -2.96 -1.42
CA GLN A 71 6.66 -3.98 -2.20
C GLN A 71 7.18 -5.36 -1.78
N VAL A 72 6.26 -6.30 -1.49
CA VAL A 72 6.64 -7.65 -1.07
C VAL A 72 6.01 -8.69 -2.00
N ARG A 73 6.86 -9.48 -2.66
CA ARG A 73 6.40 -10.53 -3.58
C ARG A 73 7.42 -11.67 -3.66
N ILE A 74 7.05 -12.76 -4.33
CA ILE A 74 7.93 -13.93 -4.48
C ILE A 74 9.10 -13.63 -5.43
N LYS A 75 10.25 -14.25 -5.13
CA LYS A 75 11.44 -14.09 -5.97
C LYS A 75 11.19 -14.73 -7.34
N PRO A 76 11.76 -14.21 -8.43
CA PRO A 76 11.55 -14.79 -9.80
C PRO A 76 11.90 -16.27 -9.86
N GLY A 77 12.99 -16.64 -9.19
CA GLY A 77 13.46 -18.03 -9.18
C GLY A 77 12.47 -18.96 -8.49
N SER A 78 11.89 -18.50 -7.38
CA SER A 78 10.94 -19.30 -6.60
C SER A 78 9.48 -19.08 -7.04
N ALA A 79 9.26 -18.24 -8.05
CA ALA A 79 7.91 -17.95 -8.53
C ALA A 79 7.23 -19.22 -9.02
N ASN A 80 7.99 -20.07 -9.72
CA ASN A 80 7.46 -21.32 -10.24
C ASN A 80 7.07 -22.28 -9.12
N LYS A 81 7.79 -22.21 -8.00
CA LYS A 81 7.51 -23.09 -6.85
C LYS A 81 6.19 -22.69 -6.16
N PRO A 82 5.45 -23.62 -5.55
CA PRO A 82 4.17 -23.30 -4.84
C PRO A 82 4.38 -22.28 -3.74
N LYS A 83 3.39 -21.41 -3.54
CA LYS A 83 3.46 -20.36 -2.53
C LYS A 83 3.37 -20.92 -1.11
N ASP A 84 2.78 -22.11 -0.96
CA ASP A 84 2.64 -22.73 0.35
C ASP A 84 4.00 -22.95 1.00
N GLU A 85 4.97 -23.40 0.20
CA GLU A 85 6.32 -23.67 0.71
C GLU A 85 7.17 -22.38 0.79
N LEU A 86 6.69 -21.30 0.18
CA LEU A 86 7.41 -20.02 0.18
C LEU A 86 6.92 -19.15 1.32
N ASP A 87 7.86 -18.59 2.09
CA ASP A 87 7.53 -17.73 3.22
C ASP A 87 8.38 -16.46 3.18
N TYR A 88 8.02 -15.47 4.00
CA TYR A 88 8.75 -14.21 4.04
C TYR A 88 10.22 -14.45 4.34
N ALA A 89 10.49 -15.30 5.33
CA ALA A 89 11.86 -15.62 5.72
C ALA A 89 12.47 -16.73 4.85
N ASN A 90 11.64 -17.35 3.99
CA ASN A 90 12.11 -18.43 3.13
C ASN A 90 12.43 -17.97 1.70
N ASP A 91 11.44 -17.39 1.00
CA ASP A 91 11.67 -16.95 -0.39
C ASP A 91 10.76 -15.78 -0.82
N ILE A 92 11.00 -14.60 -0.26
CA ILE A 92 10.23 -13.40 -0.62
C ILE A 92 11.17 -12.22 -0.85
N GLU A 93 10.97 -11.54 -1.98
CA GLU A 93 11.79 -10.39 -2.35
C GLU A 93 11.04 -9.11 -2.00
N LYS A 94 11.77 -8.13 -1.45
CA LYS A 94 11.17 -6.86 -1.08
C LYS A 94 12.11 -5.69 -1.36
N LYS A 95 11.53 -4.50 -1.53
CA LYS A 95 12.31 -3.30 -1.82
C LYS A 95 11.55 -2.04 -1.37
N ILE A 96 12.31 -0.99 -1.05
CA ILE A 96 11.75 0.28 -0.63
C ILE A 96 11.48 1.15 -1.88
N CYS A 97 10.47 2.01 -1.77
CA CYS A 97 10.07 2.88 -2.88
C CYS A 97 9.51 4.18 -2.31
N LYS A 98 10.24 5.28 -2.50
CA LYS A 98 9.81 6.59 -1.98
C LYS A 98 9.10 7.41 -3.04
N MET A 99 8.18 8.26 -2.59
CA MET A 99 7.43 9.13 -3.50
C MET A 99 8.38 10.12 -4.17
N GLU A 100 8.23 10.27 -5.48
CA GLU A 100 9.09 11.17 -6.27
C GLU A 100 8.93 12.62 -5.83
N LYS A 101 7.70 13.01 -5.51
CA LYS A 101 7.40 14.38 -5.10
C LYS A 101 7.57 14.57 -3.58
N CYS A 102 8.49 13.80 -2.99
CA CYS A 102 8.74 13.88 -1.56
C CYS A 102 10.25 14.04 -1.28
N SER A 103 10.89 14.87 -2.12
CA SER A 103 12.32 15.13 -2.01
C SER A 103 12.68 15.79 -0.68
N SER A 104 11.80 16.70 -0.23
CA SER A 104 11.98 17.46 1.02
C SER A 104 12.79 16.71 2.08
N VAL A 105 14.11 16.92 2.04
CA VAL A 105 15.03 16.27 2.98
C VAL A 105 14.88 16.86 4.39
N PHE A 106 14.56 18.15 4.47
CA PHE A 106 14.40 18.83 5.76
C PHE A 106 13.06 18.47 6.38
N ASN A 107 13.04 18.37 7.71
CA ASN A 107 11.82 18.03 8.44
C ASN A 107 10.79 19.15 8.33
N VAL A 108 9.54 18.78 8.13
CA VAL A 108 8.45 19.75 8.03
C VAL A 108 7.37 19.43 9.06
N VAL A 109 7.35 20.23 10.13
CA VAL A 109 6.38 20.05 11.20
C VAL A 109 5.65 21.36 11.49
N ASN A 110 4.49 21.25 12.11
CA ASN A 110 3.68 22.43 12.45
C ASN A 110 4.06 23.01 13.82
N SER A 111 5.08 22.45 14.47
CA SER A 111 5.53 22.93 15.78
C SER A 111 6.04 24.36 15.68
N SER A 112 6.77 24.65 14.61
CA SER A 112 7.33 26.00 14.39
C SER A 112 6.23 27.05 14.27
N GLU A 113 5.13 26.64 13.67
CA GLU A 113 3.97 27.52 13.48
C GLU A 113 3.40 27.98 14.81
N ASN A 114 3.39 27.06 15.78
CA ASN A 114 2.86 27.34 17.11
C ASN A 114 3.46 28.62 17.71
N LEU A 115 4.62 29.05 17.18
CA LEU A 115 5.31 30.24 17.68
C LEU A 115 4.87 31.51 16.94
N TYR A 116 4.47 31.34 15.68
CA TYR A 116 4.03 32.45 14.83
C TYR A 116 2.79 33.12 15.39
N PHE A 117 1.89 32.33 15.94
CA PHE A 117 0.62 32.83 16.48
C PHE A 117 0.88 33.79 17.64
N GLN A 118 1.83 33.42 18.50
CA GLN A 118 2.18 34.25 19.65
C GLN A 118 2.75 35.60 19.19
N SER A 119 3.56 35.57 18.13
CA SER A 119 4.18 36.78 17.60
C SER A 119 3.10 37.76 17.11
N GLY A 120 2.06 37.21 16.48
CA GLY A 120 0.97 38.03 15.97
C GLY A 120 1.41 38.84 14.75
N GLY A 121 0.77 40.00 14.57
CA GLY A 121 1.10 40.89 13.44
C GLY A 121 2.42 41.59 13.68
N HIS A 122 2.93 42.26 12.63
CA HIS A 122 4.20 42.98 12.71
C HIS A 122 4.04 44.39 12.15
N HIS A 123 4.91 45.30 12.61
CA HIS A 123 4.89 46.69 12.16
C HIS A 123 3.52 47.34 12.45
N HIS A 124 2.97 47.02 13.63
CA HIS A 124 1.68 47.57 14.04
C HIS A 124 1.84 48.42 15.29
N HIS A 125 1.17 49.58 15.31
CA HIS A 125 1.25 50.49 16.46
C HIS A 125 0.01 51.40 16.50
N HIS A 126 -0.19 52.05 17.65
CA HIS A 126 -1.32 52.95 17.84
C HIS A 126 -1.03 54.01 18.91
N HIS A 127 -1.83 55.06 18.93
CA HIS A 127 -1.66 56.14 19.90
C HIS A 127 -2.18 55.71 21.27
N MET A 1 39.23 -27.24 51.21
CA MET A 1 40.64 -27.11 50.74
C MET A 1 40.67 -26.80 49.24
N LYS A 2 39.72 -25.98 48.80
CA LYS A 2 39.63 -25.59 47.39
C LYS A 2 40.77 -24.64 47.02
N ASN A 3 41.24 -24.76 45.79
CA ASN A 3 42.33 -23.91 45.31
C ASN A 3 41.92 -22.44 45.33
N ASN A 4 40.68 -22.18 44.94
CA ASN A 4 40.15 -20.82 44.92
C ASN A 4 39.49 -20.48 46.25
N GLN A 5 40.17 -19.65 47.05
CA GLN A 5 39.65 -19.25 48.35
C GLN A 5 38.35 -18.46 48.20
N GLY A 6 38.30 -17.59 47.19
CA GLY A 6 37.12 -16.78 46.94
C GLY A 6 36.00 -17.63 46.36
N ASN A 7 34.75 -17.22 46.63
CA ASN A 7 33.58 -17.94 46.14
C ASN A 7 33.55 -17.93 44.62
N GLY A 8 33.90 -16.79 44.03
CA GLY A 8 33.91 -16.64 42.57
C GLY A 8 34.13 -15.18 42.17
N GLN A 9 34.01 -14.91 40.87
CA GLN A 9 34.19 -13.55 40.36
C GLN A 9 33.13 -12.58 40.92
N GLY A 10 31.96 -13.13 41.29
CA GLY A 10 30.87 -12.34 41.83
C GLY A 10 29.94 -11.84 40.73
N HIS A 11 28.76 -11.38 41.13
CA HIS A 11 27.76 -10.88 40.17
C HIS A 11 28.14 -9.49 39.67
N ASN A 12 27.51 -9.07 38.57
CA ASN A 12 27.78 -7.74 37.99
C ASN A 12 26.95 -6.67 38.69
N MET A 13 27.15 -5.42 38.27
CA MET A 13 26.43 -4.30 38.86
C MET A 13 24.95 -4.30 38.42
N PRO A 14 24.02 -3.81 39.23
CA PRO A 14 22.57 -3.79 38.87
C PRO A 14 22.26 -2.74 37.80
N ASN A 15 21.17 -2.97 37.06
CA ASN A 15 20.76 -2.04 36.00
C ASN A 15 19.81 -0.99 36.57
N ASP A 16 19.65 0.12 35.85
CA ASP A 16 18.77 1.20 36.30
C ASP A 16 17.64 1.42 35.27
N PRO A 17 16.51 0.70 35.39
CA PRO A 17 15.36 0.86 34.44
C PRO A 17 14.65 2.20 34.60
N ASN A 18 14.81 2.82 35.77
CA ASN A 18 14.18 4.11 36.07
C ASN A 18 14.69 5.19 35.11
N ARG A 19 15.98 5.14 34.79
CA ARG A 19 16.58 6.13 33.89
C ARG A 19 15.97 6.04 32.50
N ASN A 20 15.83 7.20 31.87
CA ASN A 20 15.26 7.29 30.53
C ASN A 20 15.62 8.63 29.89
N VAL A 21 15.61 8.66 28.55
CA VAL A 21 15.92 9.89 27.82
C VAL A 21 14.72 10.28 26.96
N ASP A 22 14.05 11.36 27.37
CA ASP A 22 12.88 11.87 26.65
C ASP A 22 13.23 13.14 25.85
N GLU A 23 14.51 13.39 25.66
CA GLU A 23 14.98 14.56 24.92
C GLU A 23 14.54 14.47 23.45
N ASN A 24 14.64 13.26 22.90
CA ASN A 24 14.26 13.01 21.52
C ASN A 24 12.77 13.30 21.32
N ALA A 25 11.96 12.87 22.28
CA ALA A 25 10.52 13.08 22.23
C ALA A 25 10.18 14.57 22.19
N ASN A 26 10.90 15.35 23.00
CA ASN A 26 10.68 16.79 23.06
C ASN A 26 10.96 17.44 21.71
N ALA A 27 12.00 16.97 21.03
CA ALA A 27 12.39 17.51 19.72
C ALA A 27 11.25 17.30 18.71
N ASN A 28 10.62 16.14 18.77
CA ASN A 28 9.53 15.80 17.86
C ASN A 28 8.37 16.77 18.03
N SER A 29 8.10 17.14 19.28
CA SER A 29 7.01 18.07 19.60
C SER A 29 7.24 19.42 18.90
N ALA A 30 8.50 19.84 18.85
CA ALA A 30 8.86 21.12 18.22
C ALA A 30 9.05 20.99 16.70
N VAL A 31 8.65 19.85 16.14
CA VAL A 31 8.77 19.61 14.70
C VAL A 31 7.41 19.20 14.12
N LYS A 32 7.00 19.87 13.04
CA LYS A 32 5.72 19.57 12.39
C LYS A 32 5.95 19.08 10.98
N ASN A 33 5.15 18.10 10.56
CA ASN A 33 5.27 17.52 9.22
C ASN A 33 4.00 16.75 8.86
N ASN A 34 3.94 16.26 7.61
CA ASN A 34 2.79 15.50 7.13
C ASN A 34 2.71 14.17 7.87
N ASN A 35 1.53 13.54 7.82
CA ASN A 35 1.31 12.27 8.49
C ASN A 35 1.97 11.13 7.71
N ASN A 36 3.07 10.62 8.26
CA ASN A 36 3.82 9.54 7.63
C ASN A 36 3.89 8.31 8.55
N GLU A 37 2.85 8.13 9.38
CA GLU A 37 2.80 7.00 10.31
C GLU A 37 2.88 5.66 9.56
N GLU A 38 3.58 4.70 10.15
CA GLU A 38 3.74 3.37 9.57
C GLU A 38 2.77 2.38 10.23
N PRO A 39 2.35 1.32 9.55
CA PRO A 39 1.41 0.31 10.13
C PRO A 39 2.05 -0.50 11.26
N SER A 40 1.21 -0.98 12.19
CA SER A 40 1.69 -1.78 13.32
C SER A 40 1.93 -3.22 12.91
N ASP A 41 2.59 -3.95 13.80
CA ASP A 41 2.91 -5.36 13.57
C ASP A 41 1.64 -6.18 13.41
N LYS A 42 0.61 -5.87 14.23
CA LYS A 42 -0.65 -6.59 14.15
C LYS A 42 -1.26 -6.42 12.76
N HIS A 43 -1.16 -5.20 12.24
CA HIS A 43 -1.67 -4.88 10.91
C HIS A 43 -0.80 -5.54 9.83
N ILE A 44 0.52 -5.41 9.99
CA ILE A 44 1.48 -5.94 9.03
C ILE A 44 1.43 -7.47 8.98
N LYS A 45 1.45 -8.14 10.13
CA LYS A 45 1.41 -9.60 10.15
C LYS A 45 0.17 -10.11 9.39
N GLU A 46 -0.91 -9.32 9.42
CA GLU A 46 -2.14 -9.67 8.74
C GLU A 46 -1.98 -9.66 7.21
N TYR A 47 -1.22 -8.68 6.68
CA TYR A 47 -1.03 -8.59 5.23
C TYR A 47 -0.31 -9.83 4.71
N LEU A 48 0.75 -10.24 5.42
CA LEU A 48 1.50 -11.43 5.01
C LEU A 48 0.59 -12.65 4.97
N ASN A 49 -0.41 -12.68 5.86
CA ASN A 49 -1.35 -13.79 5.90
C ASN A 49 -2.57 -13.51 4.99
N LYS A 50 -2.71 -12.25 4.55
CA LYS A 50 -3.84 -11.85 3.70
C LYS A 50 -3.50 -11.99 2.21
N ILE A 51 -2.44 -11.31 1.75
CA ILE A 51 -2.06 -11.35 0.34
C ILE A 51 -1.36 -12.66 -0.04
N GLN A 52 -1.10 -13.52 0.93
CA GLN A 52 -0.43 -14.78 0.69
C GLN A 52 -1.09 -15.54 -0.47
N ASN A 53 -2.42 -15.58 -0.45
CA ASN A 53 -3.17 -16.28 -1.49
C ASN A 53 -2.91 -15.64 -2.86
N SER A 54 -2.84 -14.31 -2.88
CA SER A 54 -2.60 -13.57 -4.12
C SER A 54 -1.12 -13.26 -4.35
N LEU A 55 -0.23 -13.76 -3.48
CA LEU A 55 1.20 -13.50 -3.60
C LEU A 55 1.73 -14.04 -4.92
N SER A 56 2.43 -13.17 -5.65
CA SER A 56 3.01 -13.54 -6.95
C SER A 56 4.25 -12.69 -7.22
N THR A 57 4.82 -12.81 -8.43
CA THR A 57 6.02 -12.04 -8.78
C THR A 57 5.69 -10.99 -9.84
N GLU A 58 5.85 -9.72 -9.45
CA GLU A 58 5.60 -8.60 -10.36
C GLU A 58 6.01 -7.28 -9.70
N TRP A 59 6.77 -6.45 -10.41
CA TRP A 59 7.20 -5.16 -9.87
C TRP A 59 6.04 -4.17 -9.95
N SER A 60 5.54 -3.78 -8.78
CA SER A 60 4.41 -2.85 -8.70
C SER A 60 4.87 -1.42 -8.39
N PRO A 61 4.07 -0.41 -8.72
CA PRO A 61 4.44 1.02 -8.44
C PRO A 61 4.66 1.26 -6.95
N CYS A 62 5.51 2.23 -6.64
CA CYS A 62 5.84 2.57 -5.25
C CYS A 62 4.55 2.76 -4.43
N SER A 63 3.51 3.27 -5.10
CA SER A 63 2.19 3.47 -4.47
C SER A 63 2.25 4.41 -3.25
N VAL A 64 3.15 5.41 -3.31
CA VAL A 64 3.27 6.38 -2.23
C VAL A 64 3.38 7.79 -2.80
N THR A 65 3.11 8.79 -1.95
CA THR A 65 3.18 10.19 -2.38
C THR A 65 4.26 10.96 -1.61
N CYS A 66 4.67 10.42 -0.45
CA CYS A 66 5.71 11.06 0.37
C CYS A 66 6.35 10.05 1.31
N GLY A 67 5.55 9.10 1.82
CA GLY A 67 6.04 8.09 2.72
C GLY A 67 6.76 6.99 1.94
N ASN A 68 7.24 6.00 2.67
CA ASN A 68 7.96 4.88 2.06
C ASN A 68 6.99 3.87 1.48
N GLY A 69 7.26 3.45 0.25
CA GLY A 69 6.43 2.45 -0.42
C GLY A 69 7.13 1.10 -0.38
N ILE A 70 6.38 0.04 -0.07
CA ILE A 70 6.97 -1.30 0.00
C ILE A 70 6.07 -2.33 -0.66
N GLN A 71 6.69 -3.22 -1.44
CA GLN A 71 5.98 -4.27 -2.14
C GLN A 71 6.61 -5.62 -1.84
N VAL A 72 5.76 -6.66 -1.71
CA VAL A 72 6.25 -8.01 -1.42
C VAL A 72 5.92 -8.91 -2.61
N ARG A 73 6.96 -9.47 -3.23
CA ARG A 73 6.79 -10.33 -4.40
C ARG A 73 7.69 -11.55 -4.32
N ILE A 74 7.27 -12.61 -5.03
CA ILE A 74 8.04 -13.85 -5.09
C ILE A 74 9.21 -13.70 -6.05
N LYS A 75 10.37 -14.24 -5.66
CA LYS A 75 11.56 -14.16 -6.51
C LYS A 75 11.31 -14.89 -7.83
N PRO A 76 11.87 -14.44 -8.96
CA PRO A 76 11.64 -15.11 -10.28
C PRO A 76 12.21 -16.52 -10.32
N GLY A 77 13.30 -16.73 -9.57
CA GLY A 77 13.95 -18.05 -9.51
C GLY A 77 13.02 -19.09 -8.90
N SER A 78 12.31 -18.69 -7.84
CA SER A 78 11.39 -19.60 -7.15
C SER A 78 9.93 -19.32 -7.50
N ALA A 79 9.68 -18.40 -8.44
CA ALA A 79 8.30 -18.05 -8.83
C ALA A 79 7.58 -19.27 -9.39
N ASN A 80 8.28 -20.05 -10.21
CA ASN A 80 7.69 -21.26 -10.81
C ASN A 80 7.44 -22.33 -9.74
N LYS A 81 8.28 -22.33 -8.70
CA LYS A 81 8.16 -23.30 -7.62
C LYS A 81 6.86 -23.08 -6.81
N PRO A 82 6.31 -24.11 -6.16
CA PRO A 82 5.05 -23.98 -5.36
C PRO A 82 5.16 -22.88 -4.30
N LYS A 83 4.05 -22.17 -4.09
CA LYS A 83 4.02 -21.08 -3.10
C LYS A 83 4.05 -21.60 -1.67
N ASP A 84 3.59 -22.83 -1.47
CA ASP A 84 3.56 -23.44 -0.14
C ASP A 84 4.95 -23.54 0.47
N GLU A 85 5.94 -23.89 -0.36
CA GLU A 85 7.33 -24.04 0.12
C GLU A 85 8.04 -22.68 0.28
N LEU A 86 7.44 -21.61 -0.23
CA LEU A 86 8.05 -20.28 -0.13
C LEU A 86 7.64 -19.62 1.19
N ASP A 87 8.64 -19.08 1.89
CA ASP A 87 8.40 -18.42 3.18
C ASP A 87 9.11 -17.06 3.20
N TYR A 88 8.67 -16.20 4.14
CA TYR A 88 9.26 -14.84 4.27
C TYR A 88 10.78 -14.94 4.31
N ALA A 89 11.25 -15.87 5.13
CA ALA A 89 12.68 -16.07 5.33
C ALA A 89 13.30 -17.00 4.29
N ASN A 90 12.48 -17.62 3.42
CA ASN A 90 12.98 -18.56 2.43
C ASN A 90 13.10 -17.99 1.01
N ASP A 91 12.00 -17.42 0.47
CA ASP A 91 12.04 -16.93 -0.92
C ASP A 91 11.29 -15.62 -1.16
N ILE A 92 10.64 -15.07 -0.13
CA ILE A 92 9.89 -13.82 -0.30
C ILE A 92 10.86 -12.65 -0.47
N GLU A 93 10.59 -11.88 -1.51
CA GLU A 93 11.41 -10.71 -1.82
C GLU A 93 10.59 -9.44 -1.60
N LYS A 94 11.24 -8.43 -1.04
CA LYS A 94 10.58 -7.15 -0.76
C LYS A 94 11.54 -6.00 -1.06
N LYS A 95 10.97 -4.83 -1.40
CA LYS A 95 11.77 -3.65 -1.73
C LYS A 95 11.08 -2.36 -1.30
N ILE A 96 11.88 -1.30 -1.13
CA ILE A 96 11.38 0.00 -0.71
C ILE A 96 11.52 1.02 -1.85
N CYS A 97 10.53 1.91 -1.91
CA CYS A 97 10.49 2.97 -2.90
C CYS A 97 9.80 4.18 -2.29
N LYS A 98 10.52 5.30 -2.22
CA LYS A 98 9.96 6.52 -1.66
C LYS A 98 9.83 7.60 -2.71
N MET A 99 8.79 8.43 -2.56
CA MET A 99 8.53 9.51 -3.51
C MET A 99 9.41 10.72 -3.21
N GLU A 100 10.00 11.28 -4.27
CA GLU A 100 10.87 12.46 -4.15
C GLU A 100 10.10 13.77 -4.40
N LYS A 101 8.80 13.67 -4.72
CA LYS A 101 7.98 14.85 -4.99
C LYS A 101 7.08 15.18 -3.79
N CYS A 102 7.54 14.84 -2.59
CA CYS A 102 6.79 15.09 -1.37
C CYS A 102 6.51 16.59 -1.20
N SER A 103 7.53 17.40 -1.45
CA SER A 103 7.40 18.85 -1.32
C SER A 103 6.31 19.37 -2.26
N SER A 104 6.28 18.84 -3.48
CA SER A 104 5.28 19.24 -4.47
C SER A 104 5.25 20.77 -4.63
N VAL A 105 6.43 21.36 -4.73
CA VAL A 105 6.56 22.82 -4.88
C VAL A 105 6.83 23.20 -6.35
N PHE A 106 6.44 22.32 -7.29
CA PHE A 106 6.62 22.56 -8.73
C PHE A 106 8.11 22.53 -9.12
N ASN A 107 8.87 21.73 -8.40
CA ASN A 107 10.31 21.58 -8.67
C ASN A 107 10.52 21.02 -10.08
N VAL A 108 11.53 21.53 -10.77
CA VAL A 108 11.84 21.08 -12.12
C VAL A 108 13.29 20.56 -12.15
N VAL A 109 13.42 19.23 -12.18
CA VAL A 109 14.73 18.58 -12.20
C VAL A 109 14.79 17.55 -13.32
N ASN A 110 16.02 17.19 -13.71
CA ASN A 110 16.22 16.20 -14.77
C ASN A 110 16.41 14.78 -14.21
N SER A 111 16.29 14.64 -12.87
CA SER A 111 16.44 13.33 -12.22
C SER A 111 15.14 12.52 -12.26
N SER A 112 14.04 13.12 -12.76
CA SER A 112 12.75 12.42 -12.82
C SER A 112 12.80 11.17 -13.70
N GLU A 113 13.78 11.13 -14.58
CA GLU A 113 13.97 9.99 -15.48
C GLU A 113 14.87 8.91 -14.86
N ASN A 114 15.45 9.20 -13.69
CA ASN A 114 16.33 8.26 -13.00
C ASN A 114 15.59 6.97 -12.62
N LEU A 115 14.34 7.12 -12.18
CA LEU A 115 13.53 5.97 -11.77
C LEU A 115 13.61 4.82 -12.77
N TYR A 116 13.63 5.15 -14.06
CA TYR A 116 13.70 4.14 -15.12
C TYR A 116 15.01 3.35 -15.02
N PHE A 117 16.09 4.09 -14.72
CA PHE A 117 17.43 3.50 -14.62
C PHE A 117 17.51 2.52 -13.44
N GLN A 118 16.88 2.91 -12.33
CA GLN A 118 16.87 2.08 -11.11
C GLN A 118 15.61 1.20 -11.01
N SER A 119 14.74 1.26 -12.02
CA SER A 119 13.51 0.47 -12.02
C SER A 119 13.80 -1.02 -11.99
N GLY A 120 14.90 -1.42 -12.64
CA GLY A 120 15.30 -2.83 -12.69
C GLY A 120 15.75 -3.31 -11.31
N GLY A 121 15.64 -4.62 -11.09
CA GLY A 121 16.03 -5.21 -9.82
C GLY A 121 17.54 -5.48 -9.79
N HIS A 122 18.01 -6.02 -8.66
CA HIS A 122 19.43 -6.34 -8.50
C HIS A 122 19.61 -7.77 -8.03
N HIS A 123 20.64 -8.44 -8.56
CA HIS A 123 20.93 -9.82 -8.20
C HIS A 123 21.36 -9.90 -6.73
N HIS A 124 20.85 -10.91 -6.02
CA HIS A 124 21.19 -11.09 -4.61
C HIS A 124 20.95 -12.54 -4.16
N HIS A 125 21.48 -12.88 -2.99
CA HIS A 125 21.33 -14.22 -2.43
C HIS A 125 20.54 -14.18 -1.12
N HIS A 126 19.63 -15.14 -0.96
CA HIS A 126 18.80 -15.21 0.25
C HIS A 126 18.46 -16.66 0.57
N HIS A 127 18.53 -17.01 1.85
CA HIS A 127 18.23 -18.37 2.29
C HIS A 127 16.75 -18.71 2.02
N MET A 1 26.90 45.40 -11.93
CA MET A 1 26.66 44.81 -10.58
C MET A 1 25.92 45.80 -9.70
N LYS A 2 24.64 45.52 -9.45
CA LYS A 2 23.81 46.40 -8.63
C LYS A 2 24.22 46.32 -7.17
N ASN A 3 24.15 47.45 -6.47
CA ASN A 3 24.52 47.51 -5.05
C ASN A 3 23.61 46.60 -4.23
N ASN A 4 22.32 46.59 -4.57
CA ASN A 4 21.34 45.78 -3.85
C ASN A 4 21.34 44.34 -4.39
N GLN A 5 20.62 43.47 -3.70
CA GLN A 5 20.53 42.06 -4.10
C GLN A 5 19.88 41.92 -5.49
N GLY A 6 18.85 42.75 -5.73
CA GLY A 6 18.15 42.72 -7.02
C GLY A 6 16.97 41.77 -6.97
N ASN A 7 16.19 41.75 -8.05
CA ASN A 7 15.01 40.89 -8.14
C ASN A 7 15.42 39.42 -8.08
N GLY A 8 16.54 39.08 -8.73
CA GLY A 8 17.04 37.71 -8.74
C GLY A 8 16.19 36.79 -9.62
N GLN A 9 15.56 37.37 -10.65
CA GLN A 9 14.72 36.60 -11.57
C GLN A 9 15.53 35.54 -12.29
N GLY A 10 16.77 35.90 -12.69
CA GLY A 10 17.65 34.98 -13.40
C GLY A 10 17.31 34.89 -14.89
N HIS A 11 16.58 35.89 -15.39
CA HIS A 11 16.19 35.93 -16.81
C HIS A 11 17.44 35.99 -17.69
N ASN A 12 17.39 35.29 -18.82
CA ASN A 12 18.51 35.23 -19.79
C ASN A 12 19.66 34.40 -19.22
N MET A 13 20.27 34.89 -18.13
CA MET A 13 21.39 34.19 -17.50
C MET A 13 20.91 32.88 -16.86
N PRO A 14 21.77 31.86 -16.74
CA PRO A 14 21.37 30.54 -16.13
C PRO A 14 21.17 30.65 -14.63
N ASN A 15 20.40 29.71 -14.07
CA ASN A 15 20.13 29.69 -12.64
C ASN A 15 21.36 29.23 -11.88
N ASP A 16 21.36 29.46 -10.55
CA ASP A 16 22.50 29.07 -9.72
C ASP A 16 22.06 27.99 -8.71
N PRO A 17 22.14 26.71 -9.07
CA PRO A 17 21.75 25.59 -8.15
C PRO A 17 22.74 25.40 -6.99
N ASN A 18 23.91 26.04 -7.11
CA ASN A 18 24.95 25.94 -6.08
C ASN A 18 24.45 26.46 -4.74
N ARG A 19 23.67 27.54 -4.77
CA ARG A 19 23.14 28.13 -3.54
C ARG A 19 22.28 27.12 -2.79
N ASN A 20 22.40 27.12 -1.46
CA ASN A 20 21.65 26.20 -0.62
C ASN A 20 20.16 26.49 -0.70
N VAL A 21 19.37 25.44 -0.93
CA VAL A 21 17.92 25.56 -1.00
C VAL A 21 17.28 24.70 0.07
N ASP A 22 16.72 25.35 1.09
CA ASP A 22 16.06 24.65 2.19
C ASP A 22 14.54 24.68 2.09
N GLU A 23 14.05 25.04 0.90
CA GLU A 23 12.60 25.09 0.65
C GLU A 23 12.01 23.69 0.80
N ASN A 24 12.70 22.70 0.24
CA ASN A 24 12.24 21.31 0.30
C ASN A 24 12.21 20.83 1.76
N ALA A 25 13.25 21.19 2.51
CA ALA A 25 13.35 20.79 3.91
C ALA A 25 12.20 21.39 4.73
N ASN A 26 11.86 22.64 4.44
CA ASN A 26 10.78 23.32 5.15
C ASN A 26 9.45 22.60 4.94
N ALA A 27 9.22 22.13 3.71
CA ALA A 27 7.99 21.41 3.37
C ALA A 27 7.90 20.12 4.17
N ASN A 28 9.04 19.45 4.34
CA ASN A 28 9.10 18.19 5.08
C ASN A 28 8.68 18.38 6.53
N SER A 29 9.08 19.52 7.11
CA SER A 29 8.74 19.83 8.50
C SER A 29 7.23 19.91 8.68
N ALA A 30 6.55 20.45 7.66
CA ALA A 30 5.09 20.60 7.69
C ALA A 30 4.38 19.36 7.14
N VAL A 31 5.09 18.23 7.10
CA VAL A 31 4.51 16.98 6.58
C VAL A 31 3.30 16.55 7.42
N LYS A 32 2.22 16.20 6.72
CA LYS A 32 0.98 15.77 7.37
C LYS A 32 1.20 14.50 8.20
N ASN A 33 1.94 13.58 7.62
CA ASN A 33 2.23 12.29 8.27
C ASN A 33 3.66 12.25 8.78
N ASN A 34 3.80 11.90 10.07
CA ASN A 34 5.13 11.79 10.69
C ASN A 34 5.59 10.33 10.80
N ASN A 35 4.87 9.41 10.16
CA ASN A 35 5.23 7.99 10.21
C ASN A 35 6.17 7.63 9.07
N ASN A 36 7.46 7.53 9.40
CA ASN A 36 8.48 7.18 8.41
C ASN A 36 9.03 5.77 8.64
N GLU A 37 8.29 4.94 9.40
CA GLU A 37 8.70 3.58 9.70
C GLU A 37 7.66 2.59 9.23
N GLU A 38 8.09 1.35 8.99
CA GLU A 38 7.20 0.29 8.53
C GLU A 38 6.20 -0.09 9.63
N PRO A 39 5.02 -0.63 9.29
CA PRO A 39 4.00 -1.02 10.31
C PRO A 39 4.46 -2.20 11.15
N SER A 40 3.75 -2.45 12.25
CA SER A 40 4.10 -3.54 13.17
C SER A 40 3.83 -4.91 12.56
N ASP A 41 4.48 -5.93 13.13
CA ASP A 41 4.34 -7.31 12.67
C ASP A 41 2.89 -7.74 12.66
N LYS A 42 2.06 -7.13 13.51
CA LYS A 42 0.63 -7.48 13.56
C LYS A 42 0.00 -7.20 12.20
N HIS A 43 0.42 -6.08 11.58
CA HIS A 43 -0.09 -5.70 10.27
C HIS A 43 0.57 -6.56 9.17
N ILE A 44 1.90 -6.70 9.24
CA ILE A 44 2.62 -7.48 8.24
C ILE A 44 2.17 -8.95 8.25
N LYS A 45 2.07 -9.55 9.43
CA LYS A 45 1.67 -10.96 9.51
C LYS A 45 0.30 -11.16 8.84
N GLU A 46 -0.61 -10.21 9.08
CA GLU A 46 -1.95 -10.26 8.49
C GLU A 46 -1.91 -10.01 6.99
N TYR A 47 -1.06 -9.07 6.57
CA TYR A 47 -0.94 -8.72 5.15
C TYR A 47 -0.31 -9.83 4.36
N LEU A 48 0.71 -10.48 4.92
CA LEU A 48 1.37 -11.57 4.23
C LEU A 48 0.36 -12.67 3.93
N ASN A 49 -0.50 -12.94 4.92
CA ASN A 49 -1.56 -13.93 4.77
C ASN A 49 -2.63 -13.41 3.81
N LYS A 50 -2.91 -12.10 3.93
CA LYS A 50 -3.91 -11.45 3.09
C LYS A 50 -3.53 -11.58 1.62
N ILE A 51 -2.27 -11.31 1.30
CA ILE A 51 -1.80 -11.42 -0.07
C ILE A 51 -1.31 -12.84 -0.37
N GLN A 52 -1.13 -13.67 0.68
CA GLN A 52 -0.67 -15.03 0.50
C GLN A 52 -1.52 -15.75 -0.55
N ASN A 53 -2.83 -15.57 -0.42
CA ASN A 53 -3.79 -16.18 -1.34
C ASN A 53 -3.56 -15.71 -2.78
N SER A 54 -3.15 -14.45 -2.96
CA SER A 54 -2.93 -13.89 -4.30
C SER A 54 -1.48 -13.46 -4.53
N LEU A 55 -0.53 -14.15 -3.87
CA LEU A 55 0.88 -13.81 -4.03
C LEU A 55 1.42 -14.30 -5.37
N SER A 56 2.20 -13.44 -6.02
CA SER A 56 2.82 -13.75 -7.31
C SER A 56 4.10 -12.94 -7.46
N THR A 57 4.72 -13.01 -8.64
CA THR A 57 5.96 -12.26 -8.91
C THR A 57 5.72 -11.16 -9.94
N GLU A 58 5.95 -9.91 -9.52
CA GLU A 58 5.75 -8.77 -10.41
C GLU A 58 6.29 -7.49 -9.76
N TRP A 59 6.75 -6.54 -10.57
CA TRP A 59 7.26 -5.27 -10.05
C TRP A 59 6.16 -4.20 -10.14
N SER A 60 5.70 -3.77 -8.97
CA SER A 60 4.65 -2.76 -8.87
C SER A 60 5.25 -1.38 -8.57
N PRO A 61 4.55 -0.29 -8.89
CA PRO A 61 5.06 1.10 -8.63
C PRO A 61 5.12 1.38 -7.14
N CYS A 62 5.75 2.51 -6.77
CA CYS A 62 5.89 2.88 -5.37
C CYS A 62 4.52 3.05 -4.73
N SER A 63 3.59 3.65 -5.48
CA SER A 63 2.21 3.87 -5.01
C SER A 63 2.17 4.74 -3.75
N VAL A 64 3.13 5.66 -3.62
CA VAL A 64 3.18 6.57 -2.47
C VAL A 64 3.28 8.01 -2.94
N THR A 65 2.87 8.93 -2.08
CA THR A 65 2.89 10.36 -2.41
C THR A 65 3.57 11.19 -1.31
N CYS A 66 3.75 10.59 -0.12
CA CYS A 66 4.37 11.30 1.01
C CYS A 66 5.41 10.42 1.70
N GLY A 67 5.00 9.22 2.11
CA GLY A 67 5.88 8.29 2.80
C GLY A 67 6.55 7.34 1.82
N ASN A 68 7.26 6.34 2.36
CA ASN A 68 7.95 5.36 1.52
C ASN A 68 6.99 4.28 1.06
N GLY A 69 7.30 3.68 -0.07
CA GLY A 69 6.47 2.62 -0.65
C GLY A 69 7.18 1.28 -0.56
N ILE A 70 6.45 0.25 -0.15
CA ILE A 70 7.01 -1.10 -0.04
C ILE A 70 6.05 -2.12 -0.65
N GLN A 71 6.62 -3.08 -1.38
CA GLN A 71 5.84 -4.12 -2.02
C GLN A 71 6.41 -5.49 -1.69
N VAL A 72 5.52 -6.45 -1.41
CA VAL A 72 5.95 -7.81 -1.07
C VAL A 72 5.38 -8.79 -2.11
N ARG A 73 6.29 -9.47 -2.81
CA ARG A 73 5.90 -10.44 -3.84
C ARG A 73 6.91 -11.57 -3.92
N ILE A 74 6.51 -12.65 -4.60
CA ILE A 74 7.37 -13.83 -4.76
C ILE A 74 8.53 -13.51 -5.70
N LYS A 75 9.75 -13.89 -5.28
CA LYS A 75 10.94 -13.66 -6.08
C LYS A 75 10.84 -14.44 -7.41
N PRO A 76 11.22 -13.87 -8.55
CA PRO A 76 11.15 -14.60 -9.87
C PRO A 76 11.87 -15.95 -9.81
N GLY A 77 12.99 -15.98 -9.08
CA GLY A 77 13.78 -17.21 -8.96
C GLY A 77 12.98 -18.32 -8.31
N SER A 78 12.19 -17.96 -7.29
CA SER A 78 11.36 -18.93 -6.57
C SER A 78 9.88 -18.87 -7.00
N ALA A 79 9.59 -18.13 -8.08
CA ALA A 79 8.23 -17.99 -8.57
C ALA A 79 7.66 -19.34 -9.00
N ASN A 80 8.48 -20.16 -9.65
CA ASN A 80 8.05 -21.47 -10.13
C ASN A 80 7.89 -22.49 -8.98
N LYS A 81 8.52 -22.20 -7.83
CA LYS A 81 8.44 -23.09 -6.67
C LYS A 81 7.05 -23.02 -6.00
N PRO A 82 6.58 -24.09 -5.36
CA PRO A 82 5.24 -24.08 -4.67
C PRO A 82 5.11 -22.95 -3.66
N LYS A 83 3.93 -22.33 -3.61
CA LYS A 83 3.65 -21.22 -2.71
C LYS A 83 3.71 -21.64 -1.24
N ASP A 84 3.30 -22.87 -0.96
CA ASP A 84 3.26 -23.38 0.40
C ASP A 84 4.64 -23.35 1.07
N GLU A 85 5.69 -23.65 0.30
CA GLU A 85 7.04 -23.67 0.85
C GLU A 85 7.68 -22.27 0.96
N LEU A 86 7.06 -21.27 0.32
CA LEU A 86 7.61 -19.91 0.37
C LEU A 86 7.38 -19.31 1.75
N ASP A 87 8.41 -18.68 2.28
CA ASP A 87 8.34 -18.05 3.60
C ASP A 87 8.89 -16.62 3.53
N TYR A 88 8.45 -15.79 4.47
CA TYR A 88 8.87 -14.39 4.51
C TYR A 88 10.40 -14.25 4.49
N ALA A 89 11.08 -15.04 5.30
CA ALA A 89 12.54 -14.97 5.39
C ALA A 89 13.25 -15.92 4.42
N ASN A 90 12.50 -16.76 3.70
CA ASN A 90 13.11 -17.73 2.80
C ASN A 90 13.02 -17.36 1.31
N ASP A 91 11.80 -17.13 0.80
CA ASP A 91 11.63 -16.84 -0.64
C ASP A 91 10.84 -15.56 -0.94
N ILE A 92 10.24 -14.94 0.06
CA ILE A 92 9.47 -13.72 -0.18
C ILE A 92 10.40 -12.55 -0.52
N GLU A 93 10.07 -11.87 -1.60
CA GLU A 93 10.86 -10.73 -2.07
C GLU A 93 10.16 -9.42 -1.74
N LYS A 94 10.96 -8.43 -1.39
CA LYS A 94 10.46 -7.10 -1.07
C LYS A 94 11.45 -6.04 -1.48
N LYS A 95 10.93 -4.87 -1.85
CA LYS A 95 11.76 -3.75 -2.28
C LYS A 95 11.19 -2.44 -1.79
N ILE A 96 12.08 -1.45 -1.57
CA ILE A 96 11.67 -0.14 -1.06
C ILE A 96 11.96 0.97 -2.08
N CYS A 97 11.07 1.94 -2.11
CA CYS A 97 11.18 3.10 -2.98
C CYS A 97 10.26 4.17 -2.41
N LYS A 98 10.73 5.41 -2.33
CA LYS A 98 9.93 6.49 -1.74
C LYS A 98 9.90 7.74 -2.62
N MET A 99 8.85 8.54 -2.43
CA MET A 99 8.67 9.78 -3.19
C MET A 99 9.59 10.85 -2.63
N GLU A 100 9.97 11.80 -3.48
CA GLU A 100 10.88 12.88 -3.09
C GLU A 100 10.15 14.13 -2.60
N LYS A 101 8.83 14.02 -2.38
CA LYS A 101 8.04 15.18 -1.97
C LYS A 101 8.09 15.42 -0.48
N CYS A 102 7.82 14.39 0.27
CA CYS A 102 7.80 14.52 1.74
C CYS A 102 8.52 13.37 2.47
N SER A 103 9.05 12.40 1.73
CA SER A 103 9.73 11.26 2.35
C SER A 103 10.95 11.68 3.14
N SER A 104 11.69 12.66 2.60
CA SER A 104 12.91 13.13 3.23
C SER A 104 12.65 13.77 4.59
N VAL A 105 12.38 12.92 5.57
CA VAL A 105 12.11 13.36 6.94
C VAL A 105 12.98 12.57 7.91
N PHE A 106 12.83 11.24 7.87
CA PHE A 106 13.58 10.36 8.74
C PHE A 106 14.13 9.19 7.94
N ASN A 107 15.42 8.92 8.12
CA ASN A 107 16.08 7.82 7.43
C ASN A 107 15.56 6.50 7.95
N VAL A 108 15.23 5.60 7.03
CA VAL A 108 14.72 4.28 7.41
C VAL A 108 15.43 3.19 6.60
N VAL A 109 16.37 2.51 7.26
CA VAL A 109 17.15 1.45 6.63
C VAL A 109 17.03 0.16 7.44
N ASN A 110 17.36 -0.96 6.79
CA ASN A 110 17.28 -2.27 7.44
C ASN A 110 18.20 -2.34 8.66
N SER A 111 19.38 -1.73 8.54
CA SER A 111 20.36 -1.72 9.63
C SER A 111 19.82 -0.96 10.86
N SER A 112 18.83 -0.09 10.64
CA SER A 112 18.24 0.69 11.73
C SER A 112 17.06 -0.03 12.40
N GLU A 113 16.80 -1.29 11.99
CA GLU A 113 15.70 -2.07 12.57
C GLU A 113 16.21 -3.09 13.60
N ASN A 114 17.53 -3.36 13.60
CA ASN A 114 18.11 -4.34 14.51
C ASN A 114 17.96 -3.95 15.99
N LEU A 115 18.16 -2.67 16.29
CA LEU A 115 18.07 -2.19 17.67
C LEU A 115 16.65 -2.34 18.25
N TYR A 116 15.65 -2.37 17.37
CA TYR A 116 14.26 -2.52 17.80
C TYR A 116 14.02 -3.87 18.47
N PHE A 117 14.71 -4.90 17.96
CA PHE A 117 14.58 -6.26 18.48
C PHE A 117 15.02 -6.34 19.95
N GLN A 118 16.08 -5.62 20.30
CA GLN A 118 16.58 -5.63 21.68
C GLN A 118 16.86 -7.06 22.14
N SER A 119 17.56 -7.82 21.30
CA SER A 119 17.90 -9.21 21.63
C SER A 119 18.76 -9.28 22.88
N GLY A 120 19.71 -8.35 22.99
CA GLY A 120 20.61 -8.31 24.15
C GLY A 120 21.36 -9.62 24.33
N GLY A 121 21.35 -10.14 25.55
CA GLY A 121 22.03 -11.40 25.86
C GLY A 121 23.46 -11.16 26.34
N HIS A 122 24.05 -12.19 26.95
CA HIS A 122 25.42 -12.10 27.45
C HIS A 122 26.20 -13.37 27.12
N HIS A 123 27.52 -13.23 26.99
CA HIS A 123 28.38 -14.37 26.66
C HIS A 123 28.47 -15.34 27.84
N HIS A 124 28.86 -16.59 27.53
CA HIS A 124 28.98 -17.62 28.56
C HIS A 124 29.89 -18.75 28.09
N HIS A 125 30.32 -19.59 29.03
CA HIS A 125 31.20 -20.72 28.72
C HIS A 125 30.40 -22.03 28.78
N HIS A 126 30.33 -22.72 27.64
CA HIS A 126 29.59 -23.99 27.55
C HIS A 126 30.24 -25.10 28.38
N HIS A 127 31.52 -24.95 28.73
CA HIS A 127 32.25 -25.94 29.51
C HIS A 127 32.25 -27.29 28.80
N MET A 1 -12.97 -26.92 -27.54
CA MET A 1 -13.87 -25.76 -27.73
C MET A 1 -15.15 -25.98 -26.92
N LYS A 2 -16.00 -24.95 -26.89
CA LYS A 2 -17.26 -25.02 -26.16
C LYS A 2 -18.38 -25.52 -27.06
N ASN A 3 -18.97 -26.67 -26.70
CA ASN A 3 -20.05 -27.26 -27.50
C ASN A 3 -21.35 -26.47 -27.36
N ASN A 4 -21.49 -25.73 -26.26
CA ASN A 4 -22.70 -24.92 -26.01
C ASN A 4 -22.70 -23.69 -26.91
N GLN A 5 -23.89 -23.32 -27.39
CA GLN A 5 -24.03 -22.15 -28.26
C GLN A 5 -23.62 -20.88 -27.51
N GLY A 6 -24.00 -20.80 -26.23
CA GLY A 6 -23.66 -19.64 -25.41
C GLY A 6 -24.64 -18.49 -25.67
N ASN A 7 -24.37 -17.35 -25.03
CA ASN A 7 -25.22 -16.17 -25.19
C ASN A 7 -25.23 -15.69 -26.65
N GLY A 8 -24.06 -15.74 -27.28
CA GLY A 8 -23.93 -15.33 -28.68
C GLY A 8 -23.79 -13.80 -28.82
N GLN A 9 -23.76 -13.08 -27.69
CA GLN A 9 -23.64 -11.62 -27.71
C GLN A 9 -22.31 -11.19 -28.33
N GLY A 10 -21.25 -11.93 -27.98
CA GLY A 10 -19.91 -11.64 -28.49
C GLY A 10 -18.87 -12.57 -27.88
N HIS A 11 -17.60 -12.34 -28.22
CA HIS A 11 -16.51 -13.16 -27.70
C HIS A 11 -15.51 -12.29 -26.93
N ASN A 12 -15.03 -12.82 -25.80
CA ASN A 12 -14.07 -12.09 -24.97
C ASN A 12 -12.66 -12.46 -25.37
N MET A 13 -11.98 -11.53 -26.05
CA MET A 13 -10.61 -11.74 -26.50
C MET A 13 -9.64 -11.76 -25.30
N PRO A 14 -8.54 -12.53 -25.36
CA PRO A 14 -7.56 -12.59 -24.22
C PRO A 14 -6.73 -11.32 -24.12
N ASN A 15 -6.24 -11.03 -22.91
CA ASN A 15 -5.41 -9.85 -22.66
C ASN A 15 -3.96 -10.14 -23.03
N ASP A 16 -3.09 -9.13 -22.86
CA ASP A 16 -1.68 -9.28 -23.17
C ASP A 16 -0.81 -8.99 -21.92
N PRO A 17 -0.51 -9.99 -21.10
CA PRO A 17 0.33 -9.79 -19.87
C PRO A 17 1.79 -9.45 -20.20
N ASN A 18 2.22 -9.85 -21.40
CA ASN A 18 3.59 -9.59 -21.84
C ASN A 18 3.86 -8.09 -21.92
N ARG A 19 2.86 -7.34 -22.41
CA ARG A 19 2.99 -5.89 -22.54
C ARG A 19 2.75 -5.22 -21.19
N ASN A 20 3.72 -4.40 -20.77
CA ASN A 20 3.63 -3.69 -19.50
C ASN A 20 3.25 -2.24 -19.72
N VAL A 21 2.10 -1.86 -19.19
CA VAL A 21 1.60 -0.49 -19.31
C VAL A 21 1.46 0.13 -17.92
N ASP A 22 2.35 1.07 -17.62
CA ASP A 22 2.33 1.76 -16.33
C ASP A 22 1.75 3.17 -16.44
N GLU A 23 1.07 3.43 -17.57
CA GLU A 23 0.47 4.74 -17.80
C GLU A 23 -0.65 5.00 -16.80
N ASN A 24 -1.43 3.96 -16.50
CA ASN A 24 -2.52 4.07 -15.55
C ASN A 24 -1.99 4.43 -14.16
N ALA A 25 -0.88 3.77 -13.79
CA ALA A 25 -0.25 4.01 -12.50
C ALA A 25 0.24 5.46 -12.40
N ASN A 26 0.79 5.96 -13.51
CA ASN A 26 1.29 7.34 -13.56
C ASN A 26 0.16 8.33 -13.31
N ALA A 27 -1.00 8.05 -13.93
CA ALA A 27 -2.16 8.92 -13.79
C ALA A 27 -2.59 9.02 -12.32
N ASN A 28 -2.55 7.88 -11.63
CA ASN A 28 -2.94 7.83 -10.22
C ASN A 28 -1.72 7.90 -9.28
N SER A 29 -0.53 8.18 -9.85
CA SER A 29 0.69 8.27 -9.05
C SER A 29 0.56 9.36 -8.00
N ALA A 30 0.03 10.51 -8.43
CA ALA A 30 -0.15 11.65 -7.54
C ALA A 30 -1.59 11.72 -7.00
N VAL A 31 -2.33 10.64 -7.13
CA VAL A 31 -3.72 10.58 -6.66
C VAL A 31 -4.01 9.19 -6.08
N LYS A 32 -3.11 8.71 -5.23
CA LYS A 32 -3.26 7.40 -4.60
C LYS A 32 -2.87 7.49 -3.12
N ASN A 33 -3.76 7.01 -2.25
CA ASN A 33 -3.52 7.03 -0.82
C ASN A 33 -4.32 5.95 -0.12
N ASN A 34 -4.10 5.81 1.20
CA ASN A 34 -4.81 4.81 1.99
C ASN A 34 -4.65 5.11 3.48
N ASN A 35 -3.41 5.05 3.97
CA ASN A 35 -3.12 5.32 5.37
C ASN A 35 -2.35 6.62 5.52
N ASN A 36 -2.71 7.40 6.55
CA ASN A 36 -2.04 8.67 6.81
C ASN A 36 -0.56 8.45 7.11
N GLU A 37 -0.27 7.38 7.85
CA GLU A 37 1.10 7.03 8.21
C GLU A 37 1.39 5.58 7.81
N GLU A 38 2.65 5.29 7.48
CA GLU A 38 3.03 3.95 7.07
C GLU A 38 2.76 2.95 8.22
N PRO A 39 2.02 1.87 8.00
CA PRO A 39 1.72 0.87 9.08
C PRO A 39 2.92 0.01 9.45
N SER A 40 2.92 -0.49 10.68
CA SER A 40 4.01 -1.35 11.18
C SER A 40 3.83 -2.77 10.68
N ASP A 41 4.90 -3.56 10.76
CA ASP A 41 4.88 -4.96 10.34
C ASP A 41 3.70 -5.73 10.95
N LYS A 42 3.12 -5.22 12.03
CA LYS A 42 1.97 -5.88 12.67
C LYS A 42 0.81 -6.00 11.68
N HIS A 43 0.61 -4.93 10.90
CA HIS A 43 -0.45 -4.89 9.89
C HIS A 43 0.00 -5.60 8.62
N ILE A 44 1.24 -5.31 8.17
CA ILE A 44 1.76 -5.91 6.95
C ILE A 44 1.84 -7.43 7.08
N LYS A 45 2.34 -7.92 8.22
CA LYS A 45 2.48 -9.37 8.42
C LYS A 45 1.12 -10.08 8.27
N GLU A 46 0.05 -9.39 8.70
CA GLU A 46 -1.30 -9.96 8.62
C GLU A 46 -1.71 -10.19 7.16
N TYR A 47 -1.43 -9.20 6.31
CA TYR A 47 -1.74 -9.32 4.89
C TYR A 47 -0.73 -10.22 4.20
N LEU A 48 0.51 -10.25 4.72
CA LEU A 48 1.55 -11.11 4.16
C LEU A 48 1.02 -12.54 4.01
N ASN A 49 0.11 -12.92 4.92
CA ASN A 49 -0.50 -14.23 4.91
C ASN A 49 -1.77 -14.24 4.05
N LYS A 50 -2.54 -13.14 4.10
CA LYS A 50 -3.78 -13.02 3.34
C LYS A 50 -3.53 -13.09 1.83
N ILE A 51 -2.55 -12.32 1.34
CA ILE A 51 -2.25 -12.30 -0.09
C ILE A 51 -1.25 -13.40 -0.47
N GLN A 52 -0.79 -14.17 0.53
CA GLN A 52 0.16 -15.24 0.28
C GLN A 52 -0.38 -16.21 -0.76
N ASN A 53 -1.63 -16.56 -0.61
CA ASN A 53 -2.31 -17.48 -1.51
C ASN A 53 -2.33 -16.95 -2.95
N SER A 54 -2.50 -15.63 -3.10
CA SER A 54 -2.58 -15.00 -4.42
C SER A 54 -1.27 -14.26 -4.79
N LEU A 55 -0.21 -14.45 -4.00
CA LEU A 55 1.06 -13.79 -4.27
C LEU A 55 1.59 -14.15 -5.65
N SER A 56 2.27 -13.19 -6.29
CA SER A 56 2.84 -13.40 -7.61
C SER A 56 4.03 -12.48 -7.85
N THR A 57 4.74 -12.73 -8.96
CA THR A 57 5.93 -11.93 -9.30
C THR A 57 5.54 -10.75 -10.18
N GLU A 58 5.78 -9.53 -9.67
CA GLU A 58 5.46 -8.31 -10.40
C GLU A 58 6.02 -7.09 -9.67
N TRP A 59 6.40 -6.06 -10.43
CA TRP A 59 6.94 -4.84 -9.83
C TRP A 59 5.82 -3.79 -9.73
N SER A 60 5.44 -3.48 -8.50
CA SER A 60 4.38 -2.49 -8.25
C SER A 60 4.96 -1.13 -7.87
N PRO A 61 4.21 -0.03 -8.06
CA PRO A 61 4.69 1.33 -7.70
C PRO A 61 4.80 1.51 -6.19
N CYS A 62 5.40 2.62 -5.78
CA CYS A 62 5.59 2.90 -4.36
C CYS A 62 4.24 3.00 -3.65
N SER A 63 3.26 3.60 -4.32
CA SER A 63 1.91 3.75 -3.78
C SER A 63 1.90 4.61 -2.52
N VAL A 64 2.78 5.62 -2.48
CA VAL A 64 2.85 6.54 -1.34
C VAL A 64 2.89 7.98 -1.82
N THR A 65 2.44 8.89 -0.96
CA THR A 65 2.45 10.30 -1.29
C THR A 65 3.81 10.88 -0.92
N CYS A 66 4.26 10.58 0.30
CA CYS A 66 5.55 11.08 0.78
C CYS A 66 6.23 10.09 1.76
N GLY A 67 5.52 9.02 2.15
CA GLY A 67 6.08 8.03 3.08
C GLY A 67 6.82 6.94 2.32
N ASN A 68 7.25 5.91 3.06
CA ASN A 68 7.98 4.80 2.46
C ASN A 68 7.03 3.84 1.77
N GLY A 69 7.39 3.43 0.55
CA GLY A 69 6.57 2.50 -0.22
C GLY A 69 7.20 1.12 -0.22
N ILE A 70 6.39 0.09 0.05
CA ILE A 70 6.90 -1.29 0.07
C ILE A 70 5.99 -2.23 -0.71
N GLN A 71 6.62 -3.13 -1.44
CA GLN A 71 5.89 -4.13 -2.24
C GLN A 71 6.41 -5.53 -1.90
N VAL A 72 5.48 -6.49 -1.79
CA VAL A 72 5.85 -7.88 -1.46
C VAL A 72 5.41 -8.81 -2.59
N ARG A 73 6.40 -9.50 -3.18
CA ARG A 73 6.14 -10.43 -4.28
C ARG A 73 7.02 -11.68 -4.12
N ILE A 74 6.84 -12.65 -5.02
CA ILE A 74 7.62 -13.90 -4.99
C ILE A 74 8.82 -13.79 -5.95
N LYS A 75 9.96 -14.33 -5.50
CA LYS A 75 11.18 -14.32 -6.32
C LYS A 75 10.94 -15.13 -7.60
N PRO A 76 11.39 -14.67 -8.76
CA PRO A 76 11.19 -15.44 -10.04
C PRO A 76 11.73 -16.87 -9.91
N GLY A 77 12.87 -16.98 -9.22
CA GLY A 77 13.51 -18.28 -9.00
C GLY A 77 12.64 -19.19 -8.15
N SER A 78 12.00 -18.61 -7.13
CA SER A 78 11.14 -19.37 -6.22
C SER A 78 9.69 -19.46 -6.74
N ALA A 79 9.38 -18.66 -7.76
CA ALA A 79 8.03 -18.65 -8.34
C ALA A 79 7.66 -20.04 -8.87
N ASN A 80 8.64 -20.68 -9.51
CA ASN A 80 8.43 -22.02 -10.09
C ASN A 80 8.10 -23.04 -9.00
N LYS A 81 8.70 -22.86 -7.82
CA LYS A 81 8.48 -23.75 -6.68
C LYS A 81 7.08 -23.53 -6.08
N PRO A 82 6.52 -24.49 -5.35
CA PRO A 82 5.16 -24.34 -4.74
C PRO A 82 5.08 -23.11 -3.85
N LYS A 83 3.92 -22.44 -3.89
CA LYS A 83 3.70 -21.23 -3.11
C LYS A 83 3.61 -21.51 -1.62
N ASP A 84 3.07 -22.68 -1.26
CA ASP A 84 2.88 -23.06 0.14
C ASP A 84 4.21 -23.12 0.90
N GLU A 85 5.27 -23.57 0.22
CA GLU A 85 6.59 -23.69 0.87
C GLU A 85 7.33 -22.35 0.96
N LEU A 86 6.78 -21.31 0.31
CA LEU A 86 7.41 -19.99 0.34
C LEU A 86 7.09 -19.29 1.64
N ASP A 87 8.09 -18.61 2.18
CA ASP A 87 7.93 -17.86 3.43
C ASP A 87 8.48 -16.45 3.29
N TYR A 88 7.94 -15.54 4.10
CA TYR A 88 8.33 -14.14 4.08
C TYR A 88 9.85 -13.95 4.18
N ALA A 89 10.47 -14.67 5.10
CA ALA A 89 11.93 -14.56 5.32
C ALA A 89 12.74 -15.54 4.47
N ASN A 90 12.08 -16.43 3.73
CA ASN A 90 12.79 -17.43 2.94
C ASN A 90 12.80 -17.15 1.43
N ASP A 91 11.61 -17.07 0.81
CA ASP A 91 11.54 -16.89 -0.64
C ASP A 91 10.78 -15.63 -1.10
N ILE A 92 10.20 -14.89 -0.16
CA ILE A 92 9.47 -13.68 -0.53
C ILE A 92 10.42 -12.51 -0.78
N GLU A 93 10.20 -11.85 -1.91
CA GLU A 93 10.98 -10.71 -2.32
C GLU A 93 10.24 -9.42 -2.00
N LYS A 94 10.98 -8.43 -1.49
CA LYS A 94 10.37 -7.14 -1.15
C LYS A 94 11.36 -6.01 -1.39
N LYS A 95 10.83 -4.80 -1.57
CA LYS A 95 11.68 -3.63 -1.83
C LYS A 95 11.03 -2.36 -1.29
N ILE A 96 11.88 -1.39 -0.94
CA ILE A 96 11.42 -0.10 -0.39
C ILE A 96 11.75 1.03 -1.36
N CYS A 97 10.86 2.01 -1.40
CA CYS A 97 11.03 3.20 -2.25
C CYS A 97 10.22 4.36 -1.69
N LYS A 98 10.88 5.51 -1.53
CA LYS A 98 10.23 6.70 -0.99
C LYS A 98 9.92 7.72 -2.06
N MET A 99 8.84 8.48 -1.84
CA MET A 99 8.41 9.51 -2.78
C MET A 99 8.67 10.90 -2.16
N GLU A 100 9.91 11.37 -2.26
CA GLU A 100 10.27 12.68 -1.70
C GLU A 100 10.00 13.81 -2.70
N LYS A 101 9.45 13.48 -3.87
CA LYS A 101 9.16 14.50 -4.90
C LYS A 101 7.70 14.84 -4.93
N CYS A 102 7.12 14.82 -3.76
CA CYS A 102 5.75 15.14 -3.58
C CYS A 102 5.53 16.57 -3.04
N SER A 103 6.54 17.42 -3.21
CA SER A 103 6.45 18.81 -2.75
C SER A 103 5.37 19.57 -3.49
N SER A 104 5.24 19.30 -4.79
CA SER A 104 4.26 19.99 -5.63
C SER A 104 2.85 19.45 -5.38
N VAL A 105 2.45 19.43 -4.11
CA VAL A 105 1.12 18.96 -3.70
C VAL A 105 0.30 20.06 -3.01
N PHE A 106 0.80 21.31 -3.08
CA PHE A 106 0.12 22.45 -2.45
C PHE A 106 -0.01 22.23 -0.95
N ASN A 107 0.75 23.01 -0.21
CA ASN A 107 0.76 22.93 1.26
C ASN A 107 0.41 24.30 1.85
N VAL A 108 -0.32 24.29 2.95
CA VAL A 108 -0.72 25.52 3.63
C VAL A 108 -0.13 25.54 5.03
N VAL A 109 0.95 26.31 5.19
CA VAL A 109 1.64 26.43 6.48
C VAL A 109 1.77 27.90 6.85
N ASN A 110 1.40 28.24 8.08
CA ASN A 110 1.48 29.62 8.56
C ASN A 110 2.92 30.09 8.54
N SER A 111 3.84 29.20 8.90
CA SER A 111 5.27 29.53 8.93
C SER A 111 5.75 29.92 7.53
N SER A 112 5.31 29.16 6.52
CA SER A 112 5.69 29.42 5.14
C SER A 112 5.07 30.71 4.60
N GLU A 113 4.05 31.21 5.29
CA GLU A 113 3.36 32.43 4.90
C GLU A 113 3.99 33.68 5.56
N ASN A 114 5.04 33.49 6.36
CA ASN A 114 5.71 34.59 7.05
C ASN A 114 6.31 35.57 6.05
N LEU A 115 6.85 35.04 4.95
CA LEU A 115 7.47 35.86 3.90
C LEU A 115 6.59 37.04 3.52
N TYR A 116 5.28 36.84 3.51
CA TYR A 116 4.32 37.89 3.15
C TYR A 116 4.33 39.01 4.21
N PHE A 117 4.45 38.59 5.47
CA PHE A 117 4.44 39.52 6.61
C PHE A 117 5.67 40.44 6.58
N GLN A 118 6.80 39.87 6.17
CA GLN A 118 8.05 40.62 6.09
C GLN A 118 8.42 41.18 7.46
N SER A 119 9.52 41.96 7.52
CA SER A 119 9.98 42.55 8.77
C SER A 119 8.93 43.50 9.34
N GLY A 120 8.28 44.27 8.45
CA GLY A 120 7.26 45.22 8.86
C GLY A 120 6.09 44.50 9.55
N GLY A 121 5.71 43.35 8.99
CA GLY A 121 4.61 42.57 9.54
C GLY A 121 4.92 42.12 10.97
N HIS A 122 6.17 41.71 11.19
CA HIS A 122 6.61 41.26 12.51
C HIS A 122 6.84 42.45 13.44
N HIS A 123 6.61 42.23 14.74
CA HIS A 123 6.79 43.28 15.73
C HIS A 123 8.01 42.97 16.62
N HIS A 124 9.01 43.84 16.57
CA HIS A 124 10.22 43.66 17.36
C HIS A 124 9.91 43.73 18.86
N HIS A 125 10.54 42.85 19.63
CA HIS A 125 10.32 42.81 21.08
C HIS A 125 11.51 42.18 21.79
N HIS A 126 11.57 42.35 23.11
CA HIS A 126 12.65 41.79 23.92
C HIS A 126 14.01 42.27 23.39
N HIS A 127 14.08 43.55 23.03
CA HIS A 127 15.32 44.14 22.50
C HIS A 127 16.44 44.03 23.54
#